data_2W7U
#
_entry.id   2W7U
#
_cell.length_a   73.994
_cell.length_b   82.216
_cell.length_c   134.192
_cell.angle_alpha   90.00
_cell.angle_beta   90.00
_cell.angle_gamma   90.00
#
_symmetry.space_group_name_H-M   'P 21 21 21'
#
loop_
_entity.id
_entity.type
_entity.pdbx_description
1 polymer 'SERINE PROTEASE SPLA'
2 water water
#
_entity_poly.entity_id   1
_entity_poly.type   'polypeptide(L)'
_entity_poly.pdbx_seq_one_letter_code
;EKNVKEITDATKEPYNSVVAFVGGTGVVVGKNTIVTNKHIAKSNDIFKNRVSAHHSSKGKGGGNYDVKDIVEYPGKEDLA
IVHVHETSTEGLNFNKNVSYTKFADGAKVKDRISVIGYPKGAQTKYKMFESTGTINHISGTFMEFDAYAQPGNSGSPVLN
SKHELIGILYAGSGKDESEKNFGVYFTPQLKEFIQNNIEK
;
_entity_poly.pdbx_strand_id   A,B,C,D
#
# COMPACT_ATOMS: atom_id res chain seq x y z
N GLU A 1 7.73 -10.47 -25.67
CA GLU A 1 6.58 -10.18 -24.77
C GLU A 1 5.28 -10.03 -25.56
N LYS A 2 4.23 -10.69 -25.09
CA LYS A 2 2.90 -10.53 -25.67
C LYS A 2 1.90 -10.08 -24.62
N ASN A 3 1.97 -8.80 -24.26
CA ASN A 3 1.01 -8.20 -23.35
C ASN A 3 0.23 -7.06 -24.00
N VAL A 4 -0.83 -7.41 -24.72
CA VAL A 4 -1.56 -6.45 -25.54
C VAL A 4 -2.97 -6.21 -25.00
N LYS A 5 -3.23 -4.98 -24.58
CA LYS A 5 -4.54 -4.60 -24.08
C LYS A 5 -5.18 -3.52 -24.94
N GLU A 6 -6.49 -3.59 -25.10
CA GLU A 6 -7.24 -2.54 -25.79
C GLU A 6 -7.38 -1.31 -24.90
N ILE A 7 -7.01 -0.15 -25.46
CA ILE A 7 -7.40 1.13 -24.87
C ILE A 7 -8.78 1.55 -25.38
N THR A 8 -9.79 1.36 -24.55
CA THR A 8 -11.18 1.49 -24.98
C THR A 8 -11.62 2.95 -25.01
N ASP A 9 -10.91 3.80 -24.26
CA ASP A 9 -11.20 5.23 -24.22
C ASP A 9 -9.89 6.02 -24.31
N ALA A 10 -9.75 6.80 -25.38
CA ALA A 10 -8.47 7.41 -25.71
C ALA A 10 -8.51 8.93 -25.56
N THR A 11 -9.38 9.41 -24.67
CA THR A 11 -9.58 10.85 -24.50
C THR A 11 -8.56 11.44 -23.53
N LYS A 12 -7.80 10.58 -22.86
CA LYS A 12 -6.83 11.03 -21.87
C LYS A 12 -5.40 10.88 -22.37
N GLU A 13 -4.47 11.57 -21.70
CA GLU A 13 -3.06 11.43 -21.99
C GLU A 13 -2.53 10.06 -21.54
N PRO A 14 -1.57 9.49 -22.28
CA PRO A 14 -0.99 10.04 -23.51
C PRO A 14 -1.72 9.60 -24.78
N TYR A 15 -2.87 8.95 -24.61
CA TYR A 15 -3.52 8.24 -25.71
C TYR A 15 -4.15 9.19 -26.72
N ASN A 16 -4.42 10.42 -26.29
CA ASN A 16 -5.02 11.43 -27.17
C ASN A 16 -4.00 12.13 -28.06
N SER A 17 -2.75 11.69 -27.99
CA SER A 17 -1.70 12.17 -28.90
C SER A 17 -1.47 11.19 -30.04
N VAL A 18 -2.14 10.05 -29.98
CA VAL A 18 -2.01 9.01 -31.00
C VAL A 18 -3.09 9.19 -32.08
N VAL A 19 -2.69 9.13 -33.35
CA VAL A 19 -3.63 9.29 -34.45
C VAL A 19 -3.67 8.06 -35.35
N ALA A 20 -4.80 7.88 -36.04
CA ALA A 20 -4.96 6.76 -36.97
C ALA A 20 -4.81 7.21 -38.42
N PHE A 21 -3.86 6.61 -39.12
CA PHE A 21 -3.84 6.63 -40.57
C PHE A 21 -4.54 5.39 -41.13
N VAL A 22 -4.72 5.36 -42.44
CA VAL A 22 -5.23 4.18 -43.12
C VAL A 22 -4.29 2.99 -42.93
N GLY A 23 -2.99 3.21 -43.16
CA GLY A 23 -2.03 2.13 -43.20
C GLY A 23 -1.31 1.90 -41.88
N GLY A 24 -1.50 2.80 -40.93
CA GLY A 24 -0.82 2.71 -39.64
C GLY A 24 -1.09 3.86 -38.69
N THR A 25 -0.03 4.31 -38.03
CA THR A 25 -0.17 5.11 -36.81
C THR A 25 0.76 6.32 -36.85
N GLY A 26 0.38 7.39 -36.17
CA GLY A 26 1.27 8.51 -35.92
C GLY A 26 1.14 9.08 -34.52
N VAL A 27 2.08 9.96 -34.16
CA VAL A 27 2.00 10.71 -32.90
C VAL A 27 1.88 12.20 -33.16
N VAL A 28 1.03 12.87 -32.38
CA VAL A 28 1.02 14.33 -32.34
C VAL A 28 2.19 14.85 -31.50
N VAL A 29 3.02 15.70 -32.11
CA VAL A 29 4.24 16.16 -31.47
C VAL A 29 4.16 17.64 -31.11
N GLY A 30 3.55 18.44 -32.00
CA GLY A 30 3.31 19.84 -31.72
C GLY A 30 2.07 20.34 -32.42
N LYS A 31 1.94 21.67 -32.52
CA LYS A 31 0.78 22.31 -33.14
C LYS A 31 0.62 21.85 -34.59
N ASN A 32 -0.50 21.15 -34.85
CA ASN A 32 -0.87 20.72 -36.20
C ASN A 32 0.13 19.76 -36.83
N THR A 33 0.95 19.11 -36.00
CA THR A 33 2.13 18.40 -36.49
C THR A 33 2.14 16.94 -36.01
N ILE A 34 2.19 16.02 -36.96
CA ILE A 34 2.16 14.59 -36.67
C ILE A 34 3.43 13.91 -37.18
N VAL A 35 3.98 13.00 -36.39
CA VAL A 35 5.16 12.23 -36.79
C VAL A 35 4.80 10.78 -37.08
N THR A 36 5.22 10.28 -38.23
CA THR A 36 4.93 8.91 -38.65
C THR A 36 6.00 8.37 -39.59
N ASN A 37 5.79 7.16 -40.11
CA ASN A 37 6.67 6.59 -41.12
C ASN A 37 6.51 7.24 -42.49
N LYS A 38 7.47 7.01 -43.37
CA LYS A 38 7.51 7.65 -44.69
C LYS A 38 6.41 7.12 -45.62
N HIS A 39 6.29 5.79 -45.67
CA HIS A 39 5.35 5.15 -46.58
C HIS A 39 3.90 5.33 -46.11
N ILE A 40 3.74 5.58 -44.82
CA ILE A 40 2.43 5.95 -44.27
C ILE A 40 2.00 7.32 -44.77
N ALA A 41 2.94 8.26 -44.80
CA ALA A 41 2.66 9.63 -45.25
C ALA A 41 2.51 9.72 -46.77
N LYS A 42 3.33 8.95 -47.47
CA LYS A 42 3.41 9.03 -48.94
C LYS A 42 2.17 8.45 -49.61
N SER A 43 1.74 7.29 -49.13
CA SER A 43 0.61 6.58 -49.73
C SER A 43 -0.72 7.21 -49.36
N ASN A 44 -0.74 7.88 -48.21
CA ASN A 44 -1.90 8.68 -47.81
C ASN A 44 -2.04 9.95 -48.66
N ASP A 45 -0.92 10.43 -49.19
CA ASP A 45 -0.90 11.69 -49.94
C ASP A 45 -1.50 11.54 -51.33
N ILE A 46 -1.42 10.34 -51.88
CA ILE A 46 -1.93 10.08 -53.23
C ILE A 46 -3.37 9.60 -53.23
N PHE A 47 -3.89 9.30 -52.04
CA PHE A 47 -5.32 9.13 -51.85
C PHE A 47 -5.96 10.37 -51.23
N LYS A 48 -5.11 11.26 -50.72
CA LYS A 48 -5.56 12.50 -50.06
C LYS A 48 -6.59 12.25 -48.97
N ASN A 49 -6.30 11.29 -48.09
CA ASN A 49 -7.27 10.84 -47.10
C ASN A 49 -7.05 11.51 -45.74
N ARG A 50 -8.08 11.45 -44.89
CA ARG A 50 -8.05 12.13 -43.61
C ARG A 50 -7.34 11.31 -42.54
N VAL A 51 -6.92 11.97 -41.46
CA VAL A 51 -6.40 11.28 -40.29
C VAL A 51 -7.34 11.39 -39.10
N SER A 52 -7.42 10.35 -38.29
CA SER A 52 -8.33 10.30 -37.17
C SER A 52 -7.61 10.47 -35.84
N ALA A 53 -7.98 11.52 -35.10
CA ALA A 53 -7.35 11.81 -33.82
C ALA A 53 -7.85 10.90 -32.71
N HIS A 54 -6.94 10.12 -32.14
CA HIS A 54 -7.25 9.13 -31.10
C HIS A 54 -8.62 8.47 -31.23
N HIS A 55 -8.83 7.79 -32.35
CA HIS A 55 -9.99 6.92 -32.52
C HIS A 55 -9.92 5.73 -31.56
N SER A 56 -11.03 5.47 -30.87
CA SER A 56 -11.17 4.27 -30.07
C SER A 56 -12.62 3.77 -30.10
N SER A 57 -12.86 2.65 -29.44
CA SER A 57 -14.11 1.91 -29.61
C SER A 57 -15.27 2.53 -28.84
N LYS A 58 -14.95 3.35 -27.84
CA LYS A 58 -15.96 3.90 -26.95
C LYS A 58 -15.63 5.33 -26.50
N GLY A 59 -14.64 5.93 -27.15
CA GLY A 59 -13.99 7.13 -26.63
C GLY A 59 -14.76 8.41 -26.89
N LYS A 60 -15.28 8.55 -28.10
CA LYS A 60 -15.75 9.84 -28.59
C LYS A 60 -14.59 10.60 -29.25
N GLY A 61 -14.60 10.62 -30.58
CA GLY A 61 -13.39 10.90 -31.35
C GLY A 61 -12.96 12.35 -31.29
N GLY A 62 -11.69 12.59 -31.61
CA GLY A 62 -11.14 13.95 -31.61
C GLY A 62 -11.28 14.64 -32.95
N GLY A 63 -11.87 13.94 -33.92
CA GLY A 63 -12.16 14.54 -35.21
C GLY A 63 -11.36 13.91 -36.34
N ASN A 64 -11.73 14.25 -37.58
CA ASN A 64 -11.00 13.78 -38.75
C ASN A 64 -10.49 14.93 -39.60
N TYR A 65 -9.18 14.91 -39.88
CA TYR A 65 -8.48 16.12 -40.31
C TYR A 65 -7.76 15.91 -41.64
N ASP A 66 -7.91 16.89 -42.54
CA ASP A 66 -7.25 16.84 -43.84
C ASP A 66 -5.76 17.17 -43.72
N VAL A 67 -4.96 16.53 -44.56
CA VAL A 67 -3.51 16.76 -44.56
C VAL A 67 -3.17 17.99 -45.40
N LYS A 68 -2.36 18.89 -44.83
CA LYS A 68 -1.88 20.06 -45.55
C LYS A 68 -0.71 19.72 -46.46
N ASP A 69 0.41 19.32 -45.87
CA ASP A 69 1.58 18.88 -46.65
C ASP A 69 2.43 17.86 -45.88
N ILE A 70 3.43 17.31 -46.57
CA ILE A 70 4.31 16.30 -45.99
C ILE A 70 5.77 16.71 -46.11
N VAL A 71 6.50 16.61 -45.01
CA VAL A 71 7.95 16.80 -45.01
C VAL A 71 8.67 15.51 -44.61
N GLU A 72 9.49 15.00 -45.53
CA GLU A 72 10.26 13.78 -45.28
C GLU A 72 11.64 14.11 -44.74
N TYR A 73 12.16 13.25 -43.87
CA TYR A 73 13.55 13.31 -43.43
C TYR A 73 14.48 12.84 -44.56
N PRO A 74 15.42 13.71 -44.96
CA PRO A 74 16.29 13.48 -46.11
C PRO A 74 17.19 12.25 -45.96
N GLY A 75 17.48 11.87 -44.72
CA GLY A 75 18.37 10.75 -44.43
C GLY A 75 17.71 9.39 -44.65
N LYS A 76 18.37 8.34 -44.16
CA LYS A 76 17.93 6.96 -44.42
C LYS A 76 16.80 6.55 -43.50
N GLU A 77 16.54 7.35 -42.47
CA GLU A 77 15.67 6.96 -41.37
C GLU A 77 14.20 7.08 -41.75
N ASP A 78 13.41 6.09 -41.32
CA ASP A 78 12.00 5.99 -41.71
C ASP A 78 11.14 6.99 -40.94
N LEU A 79 11.28 8.27 -41.29
CA LEU A 79 10.69 9.34 -40.53
C LEU A 79 10.11 10.41 -41.46
N ALA A 80 8.81 10.63 -41.35
CA ALA A 80 8.16 11.75 -42.04
C ALA A 80 7.26 12.51 -41.08
N ILE A 81 7.24 13.83 -41.22
CA ILE A 81 6.31 14.65 -40.45
C ILE A 81 5.15 15.14 -41.32
N VAL A 82 3.99 15.32 -40.70
CA VAL A 82 2.74 15.55 -41.42
C VAL A 82 2.00 16.74 -40.80
N HIS A 83 1.65 17.71 -41.62
CA HIS A 83 0.83 18.84 -41.18
C HIS A 83 -0.63 18.63 -41.54
N VAL A 84 -1.52 19.03 -40.64
CA VAL A 84 -2.96 18.98 -40.89
C VAL A 84 -3.56 20.37 -40.97
N HIS A 85 -4.67 20.48 -41.71
CA HIS A 85 -5.63 21.56 -41.49
C HIS A 85 -6.34 21.36 -40.15
N GLU A 86 -6.31 22.38 -39.31
CA GLU A 86 -6.65 22.21 -37.89
C GLU A 86 -8.17 22.18 -37.67
N THR A 87 -8.92 22.70 -38.63
CA THR A 87 -10.38 22.65 -38.58
C THR A 87 -10.91 21.47 -39.38
N SER A 88 -11.66 20.59 -38.72
CA SER A 88 -12.31 19.47 -39.39
C SER A 88 -13.63 19.90 -40.03
N THR A 89 -14.21 19.02 -40.83
CA THR A 89 -15.47 19.30 -41.51
C THR A 89 -16.66 19.16 -40.57
N GLU A 90 -16.39 18.88 -39.30
CA GLU A 90 -17.38 18.98 -38.25
C GLU A 90 -17.23 20.28 -37.46
N GLY A 91 -16.07 20.91 -37.62
CA GLY A 91 -15.78 22.17 -36.92
C GLY A 91 -14.92 21.97 -35.69
N LEU A 92 -14.44 20.75 -35.49
CA LEU A 92 -13.51 20.45 -34.40
C LEU A 92 -12.13 21.04 -34.67
N ASN A 93 -11.55 21.67 -33.65
CA ASN A 93 -10.18 22.15 -33.73
C ASN A 93 -9.18 21.08 -33.33
N PHE A 94 -8.14 20.92 -34.14
CA PHE A 94 -7.13 19.87 -33.93
C PHE A 94 -6.47 20.00 -32.58
N ASN A 95 -6.08 21.22 -32.23
CA ASN A 95 -5.23 21.47 -31.07
C ASN A 95 -6.03 21.49 -29.76
N LYS A 96 -7.35 21.46 -29.88
CA LYS A 96 -8.23 21.37 -28.71
C LYS A 96 -8.60 19.92 -28.40
N ASN A 97 -8.18 19.00 -29.27
CA ASN A 97 -8.62 17.61 -29.19
C ASN A 97 -7.46 16.63 -29.09
N VAL A 98 -6.24 17.15 -29.14
CA VAL A 98 -5.04 16.34 -28.92
C VAL A 98 -4.18 16.90 -27.79
N SER A 99 -3.25 16.08 -27.31
CA SER A 99 -2.12 16.58 -26.54
C SER A 99 -0.84 16.48 -27.36
N TYR A 100 0.17 17.26 -26.98
CA TYR A 100 1.50 17.14 -27.58
C TYR A 100 2.41 16.29 -26.68
N THR A 101 2.91 15.19 -27.23
CA THR A 101 3.77 14.29 -26.46
C THR A 101 5.17 14.86 -26.30
N LYS A 102 5.77 14.63 -25.13
CA LYS A 102 7.08 15.18 -24.81
C LYS A 102 8.20 14.21 -25.20
N PHE A 103 9.35 14.76 -25.59
CA PHE A 103 10.56 13.98 -25.78
C PHE A 103 11.26 13.74 -24.45
N ALA A 104 12.31 12.93 -24.46
CA ALA A 104 12.42 11.78 -23.58
C ALA A 104 13.90 11.40 -23.50
N ASP A 105 14.69 12.23 -22.82
CA ASP A 105 16.12 12.32 -23.09
C ASP A 105 16.90 11.23 -22.34
N GLY A 106 17.66 10.43 -23.07
CA GLY A 106 17.11 9.56 -24.11
C GLY A 106 16.56 8.28 -23.51
N ALA A 107 17.15 7.15 -23.86
CA ALA A 107 16.74 5.86 -23.30
C ALA A 107 17.95 4.97 -23.01
N LYS A 108 17.72 3.90 -22.26
CA LYS A 108 18.75 2.90 -21.97
C LYS A 108 18.25 1.50 -22.30
N VAL A 109 19.20 0.57 -22.46
CA VAL A 109 18.87 -0.84 -22.65
C VAL A 109 18.23 -1.40 -21.38
N LYS A 110 17.19 -2.21 -21.57
CA LYS A 110 16.48 -2.89 -20.47
C LYS A 110 15.39 -2.02 -19.85
N ASP A 111 15.12 -0.87 -20.48
CA ASP A 111 14.01 -0.01 -20.09
C ASP A 111 12.68 -0.60 -20.52
N ARG A 112 11.67 -0.46 -19.66
CA ARG A 112 10.31 -0.89 -19.99
C ARG A 112 9.59 0.16 -20.83
N ILE A 113 8.96 -0.27 -21.91
CA ILE A 113 8.35 0.65 -22.87
C ILE A 113 6.93 0.24 -23.23
N SER A 114 6.18 1.18 -23.82
CA SER A 114 4.86 0.91 -24.35
C SER A 114 4.76 1.28 -25.83
N VAL A 115 4.17 0.39 -26.62
CA VAL A 115 3.86 0.68 -28.02
C VAL A 115 2.35 0.83 -28.21
N ILE A 116 1.93 2.02 -28.62
CA ILE A 116 0.50 2.33 -28.77
C ILE A 116 0.17 2.62 -30.23
N GLY A 117 -0.74 1.85 -30.80
CA GLY A 117 -1.11 2.00 -32.20
C GLY A 117 -2.38 1.27 -32.59
N TYR A 118 -2.50 0.97 -33.87
CA TYR A 118 -3.71 0.33 -34.40
C TYR A 118 -3.37 -0.94 -35.19
N PRO A 119 -3.00 -2.03 -34.49
CA PRO A 119 -2.64 -3.27 -35.16
C PRO A 119 -3.86 -3.95 -35.80
N LYS A 120 -3.73 -4.30 -37.07
CA LYS A 120 -4.85 -4.83 -37.87
C LYS A 120 -6.11 -4.00 -37.73
N GLY A 121 -5.99 -2.70 -37.97
CA GLY A 121 -7.06 -1.75 -37.69
C GLY A 121 -8.23 -1.86 -38.66
N ALA A 122 -7.95 -2.34 -39.86
CA ALA A 122 -8.99 -2.58 -40.85
C ALA A 122 -9.93 -3.71 -40.44
N GLN A 123 -9.43 -4.62 -39.60
CA GLN A 123 -10.20 -5.79 -39.19
C GLN A 123 -10.89 -5.57 -37.85
N THR A 124 -10.40 -4.61 -37.07
CA THR A 124 -10.92 -4.36 -35.73
C THR A 124 -11.90 -3.19 -35.71
N LYS A 125 -12.11 -2.58 -36.87
CA LYS A 125 -12.65 -1.22 -36.97
C LYS A 125 -11.82 -0.22 -36.15
N TYR A 126 -10.50 -0.38 -36.20
CA TYR A 126 -9.54 0.60 -35.69
C TYR A 126 -9.67 0.82 -34.18
N LYS A 127 -9.60 -0.27 -33.43
CA LYS A 127 -9.39 -0.20 -31.99
C LYS A 127 -7.94 0.14 -31.66
N MET A 128 -7.76 0.96 -30.64
CA MET A 128 -6.41 1.28 -30.15
C MET A 128 -5.91 0.22 -29.17
N PHE A 129 -4.69 -0.23 -29.37
CA PHE A 129 -4.07 -1.23 -28.51
C PHE A 129 -2.78 -0.72 -27.89
N GLU A 130 -2.56 -1.05 -26.63
CA GLU A 130 -1.26 -0.84 -25.99
C GLU A 130 -0.52 -2.16 -25.81
N SER A 131 0.74 -2.18 -26.23
CA SER A 131 1.59 -3.36 -26.08
C SER A 131 2.88 -3.01 -25.35
N THR A 132 3.17 -3.76 -24.28
CA THR A 132 4.33 -3.47 -23.44
C THR A 132 5.50 -4.39 -23.76
N GLY A 133 6.71 -3.89 -23.54
CA GLY A 133 7.92 -4.68 -23.77
C GLY A 133 9.18 -4.01 -23.24
N THR A 134 10.32 -4.39 -23.81
CA THR A 134 11.62 -4.00 -23.28
C THR A 134 12.58 -3.68 -24.43
N ILE A 135 13.35 -2.60 -24.29
CA ILE A 135 14.41 -2.29 -25.23
C ILE A 135 15.59 -3.23 -25.06
N ASN A 136 15.98 -3.90 -26.15
CA ASN A 136 17.10 -4.84 -26.11
C ASN A 136 18.39 -4.25 -26.65
N HIS A 137 18.26 -3.27 -27.56
CA HIS A 137 19.40 -2.74 -28.29
C HIS A 137 19.17 -1.29 -28.68
N ILE A 138 20.15 -0.44 -28.40
CA ILE A 138 20.21 0.90 -28.98
C ILE A 138 21.56 1.12 -29.66
N SER A 139 21.52 1.45 -30.95
CA SER A 139 22.73 1.82 -31.68
C SER A 139 22.48 3.04 -32.56
N GLY A 140 22.93 4.21 -32.09
CA GLY A 140 22.74 5.46 -32.82
C GLY A 140 21.28 5.78 -33.06
N THR A 141 20.84 5.61 -34.30
CA THR A 141 19.48 5.96 -34.69
C THR A 141 18.57 4.73 -34.67
N PHE A 142 19.16 3.57 -34.40
CA PHE A 142 18.44 2.31 -34.41
C PHE A 142 18.10 1.87 -32.99
N MET A 143 16.93 1.28 -32.81
CA MET A 143 16.62 0.56 -31.58
C MET A 143 15.79 -0.70 -31.81
N GLU A 144 15.95 -1.67 -30.91
CA GLU A 144 15.16 -2.91 -30.97
C GLU A 144 14.41 -3.13 -29.66
N PHE A 145 13.17 -3.61 -29.77
CA PHE A 145 12.35 -3.88 -28.59
C PHE A 145 11.44 -5.09 -28.83
N ASP A 146 11.03 -5.75 -27.75
CA ASP A 146 10.40 -7.06 -27.85
C ASP A 146 8.90 -7.02 -27.54
N ALA A 147 8.32 -5.83 -27.60
CA ALA A 147 6.87 -5.67 -27.50
C ALA A 147 6.16 -6.23 -28.73
N TYR A 148 5.04 -6.90 -28.51
CA TYR A 148 4.30 -7.55 -29.59
C TYR A 148 3.72 -6.52 -30.57
N ALA A 149 3.95 -6.75 -31.85
CA ALA A 149 3.51 -5.80 -32.87
C ALA A 149 2.96 -6.50 -34.11
N GLN A 150 1.85 -5.99 -34.63
CA GLN A 150 1.31 -6.42 -35.91
C GLN A 150 1.19 -5.22 -36.84
N PRO A 151 1.20 -5.46 -38.15
CA PRO A 151 1.12 -4.36 -39.08
C PRO A 151 -0.30 -3.87 -39.27
N GLY A 152 0.27 -2.43 -38.88
CA GLY A 152 -0.58 -1.81 -38.04
C GLY A 152 0.13 -0.92 -37.43
N ASN A 153 1.22 -1.40 -36.84
CA ASN A 153 1.93 -0.62 -35.84
C ASN A 153 3.04 0.24 -36.44
N SER A 154 3.03 0.38 -37.78
CA SER A 154 3.94 1.28 -38.45
C SER A 154 3.73 2.72 -38.01
N GLY A 155 4.76 3.31 -37.41
CA GLY A 155 4.72 4.70 -37.00
C GLY A 155 4.12 4.90 -35.61
N SER A 156 3.96 3.80 -34.87
CA SER A 156 3.47 3.84 -33.51
C SER A 156 4.50 4.46 -32.56
N PRO A 157 4.05 5.36 -31.68
CA PRO A 157 4.87 5.91 -30.60
C PRO A 157 5.42 4.81 -29.68
N VAL A 158 6.71 4.89 -29.39
CA VAL A 158 7.29 4.14 -28.29
C VAL A 158 7.52 5.05 -27.09
N LEU A 159 6.86 4.73 -25.98
CA LEU A 159 6.88 5.59 -24.80
C LEU A 159 7.58 4.91 -23.63
N ASN A 160 8.26 5.71 -22.80
CA ASN A 160 8.85 5.19 -21.57
C ASN A 160 7.85 5.17 -20.40
N SER A 161 8.37 4.96 -19.19
CA SER A 161 7.54 4.76 -18.01
C SER A 161 6.91 6.05 -17.50
N LYS A 162 7.26 7.16 -18.14
CA LYS A 162 6.73 8.47 -17.77
C LYS A 162 5.96 9.12 -18.93
N HIS A 163 5.53 8.29 -19.88
CA HIS A 163 4.69 8.73 -21.00
C HIS A 163 5.40 9.69 -21.94
N GLU A 164 6.72 9.56 -22.04
CA GLU A 164 7.52 10.42 -22.92
C GLU A 164 8.01 9.66 -24.15
N LEU A 165 8.21 10.38 -25.25
CA LEU A 165 8.39 9.76 -26.56
C LEU A 165 9.86 9.43 -26.83
N ILE A 166 10.16 8.14 -26.93
CA ILE A 166 11.52 7.68 -27.23
C ILE A 166 11.75 7.60 -28.73
N GLY A 167 10.79 7.02 -29.45
CA GLY A 167 10.86 6.94 -30.90
C GLY A 167 9.59 6.38 -31.52
N ILE A 168 9.70 5.90 -32.76
CA ILE A 168 8.57 5.25 -33.42
C ILE A 168 8.97 3.91 -34.04
N LEU A 169 8.01 3.00 -34.11
CA LEU A 169 8.19 1.75 -34.86
C LEU A 169 8.29 2.02 -36.36
N TYR A 170 9.09 1.23 -37.06
CA TYR A 170 9.09 1.25 -38.52
C TYR A 170 9.08 -0.14 -39.15
N ALA A 171 9.70 -1.11 -38.50
CA ALA A 171 9.80 -2.46 -39.05
C ALA A 171 9.63 -3.53 -37.98
N GLY A 172 9.04 -4.67 -38.37
CA GLY A 172 9.14 -5.88 -37.59
C GLY A 172 10.08 -6.89 -38.23
N SER A 173 10.51 -7.88 -37.45
CA SER A 173 11.14 -9.06 -37.99
C SER A 173 10.10 -10.10 -38.40
N GLY A 174 10.31 -10.74 -39.54
CA GLY A 174 9.37 -11.72 -40.06
C GLY A 174 8.18 -11.09 -40.75
N GLU A 177 2.51 -10.86 -37.00
CA GLU A 177 2.99 -11.29 -35.69
C GLU A 177 4.51 -11.18 -35.60
N SER A 178 4.99 -10.45 -34.60
CA SER A 178 6.42 -10.21 -34.42
C SER A 178 6.74 -9.83 -32.97
N GLU A 179 7.79 -10.43 -32.43
CA GLU A 179 8.17 -10.20 -31.04
C GLU A 179 9.63 -9.75 -30.91
N LYS A 180 10.25 -9.42 -32.03
CA LYS A 180 11.33 -8.43 -32.04
C LYS A 180 11.13 -7.40 -33.14
N ASN A 181 11.00 -6.14 -32.74
CA ASN A 181 10.65 -5.07 -33.66
C ASN A 181 11.67 -3.95 -33.62
N PHE A 182 11.76 -3.19 -34.71
CA PHE A 182 12.80 -2.19 -34.87
C PHE A 182 12.21 -0.79 -34.87
N GLY A 183 12.92 0.15 -34.24
CA GLY A 183 12.42 1.50 -34.07
C GLY A 183 13.40 2.57 -34.50
N VAL A 184 12.88 3.73 -34.87
CA VAL A 184 13.71 4.93 -35.02
C VAL A 184 13.91 5.61 -33.67
N TYR A 185 15.11 5.44 -33.11
CA TYR A 185 15.46 6.08 -31.85
C TYR A 185 15.82 7.55 -32.06
N PHE A 186 15.17 8.43 -31.31
CA PHE A 186 15.31 9.86 -31.55
C PHE A 186 16.55 10.42 -30.86
N THR A 187 17.63 10.55 -31.63
CA THR A 187 18.79 11.32 -31.20
C THR A 187 18.49 12.81 -31.21
N PRO A 188 19.32 13.62 -30.50
CA PRO A 188 19.20 15.08 -30.51
C PRO A 188 19.12 15.67 -31.91
N GLN A 189 19.80 15.05 -32.87
CA GLN A 189 19.78 15.51 -34.25
C GLN A 189 18.42 15.28 -34.91
N LEU A 190 17.77 14.18 -34.56
CA LEU A 190 16.43 13.90 -35.05
C LEU A 190 15.38 14.75 -34.34
N LYS A 191 15.62 15.04 -33.06
CA LYS A 191 14.79 15.96 -32.29
C LYS A 191 14.86 17.38 -32.85
N GLU A 192 16.03 17.75 -33.34
CA GLU A 192 16.23 19.04 -34.01
C GLU A 192 15.37 19.17 -35.25
N PHE A 193 15.32 18.11 -36.04
CA PHE A 193 14.58 18.12 -37.31
C PHE A 193 13.08 18.26 -37.08
N ILE A 194 12.57 17.54 -36.09
CA ILE A 194 11.14 17.52 -35.81
C ILE A 194 10.67 18.87 -35.24
N GLN A 195 11.45 19.43 -34.32
CA GLN A 195 11.09 20.68 -33.66
C GLN A 195 11.08 21.86 -34.63
N ASN A 196 11.93 21.79 -35.65
CA ASN A 196 12.03 22.86 -36.64
C ASN A 196 10.86 22.88 -37.61
N ASN A 197 10.08 21.80 -37.63
CA ASN A 197 9.00 21.64 -38.59
C ASN A 197 7.63 21.57 -37.92
N ILE A 198 7.53 22.10 -36.71
CA ILE A 198 6.25 22.24 -36.01
C ILE A 198 5.60 23.59 -36.34
N GLU A 199 4.31 23.56 -36.66
CA GLU A 199 3.58 24.78 -37.03
C GLU A 199 3.50 25.77 -35.87
N LYS A 200 3.60 27.05 -36.20
CA LYS A 200 3.83 28.09 -35.20
C LYS A 200 2.88 29.26 -35.38
N GLU B 1 -1.42 -8.14 -13.48
CA GLU B 1 -0.36 -7.61 -14.39
C GLU B 1 0.50 -6.56 -13.68
N LYS B 2 1.65 -6.26 -14.26
CA LYS B 2 2.55 -5.24 -13.72
C LYS B 2 2.89 -4.21 -14.78
N ASN B 3 2.17 -3.09 -14.76
CA ASN B 3 2.34 -2.05 -15.77
C ASN B 3 1.86 -0.67 -15.32
N VAL B 4 2.79 0.28 -15.23
CA VAL B 4 3.25 0.85 -13.97
C VAL B 4 3.98 2.16 -14.29
N LYS B 5 3.22 3.26 -14.26
CA LYS B 5 3.62 4.47 -14.96
C LYS B 5 3.67 5.64 -13.99
N GLU B 6 4.81 6.35 -14.00
CA GLU B 6 4.94 7.57 -13.20
C GLU B 6 4.17 8.72 -13.85
N ILE B 7 3.33 9.37 -13.06
CA ILE B 7 2.66 10.59 -13.50
C ILE B 7 3.45 11.82 -13.03
N THR B 8 4.18 12.43 -13.96
CA THR B 8 5.16 13.46 -13.64
C THR B 8 4.47 14.77 -13.21
N ASP B 9 3.41 15.14 -13.93
CA ASP B 9 2.62 16.31 -13.59
C ASP B 9 1.22 15.91 -13.12
N ALA B 10 0.88 16.31 -11.90
CA ALA B 10 -0.38 15.91 -11.27
C ALA B 10 -1.34 17.08 -11.13
N THR B 11 -1.25 18.04 -12.05
CA THR B 11 -2.14 19.19 -12.06
C THR B 11 -3.48 18.86 -12.70
N LYS B 12 -3.43 18.07 -13.76
CA LYS B 12 -4.63 17.77 -14.56
C LYS B 12 -5.48 16.70 -13.89
N GLU B 13 -6.76 16.65 -14.28
CA GLU B 13 -7.68 15.62 -13.81
C GLU B 13 -7.36 14.27 -14.47
N PRO B 14 -7.60 13.16 -13.74
CA PRO B 14 -8.12 13.12 -12.38
C PRO B 14 -7.01 13.07 -11.33
N TYR B 15 -5.81 13.48 -11.71
CA TYR B 15 -4.62 13.25 -10.91
C TYR B 15 -4.52 14.22 -9.74
N ASN B 16 -5.21 15.35 -9.86
CA ASN B 16 -5.20 16.37 -8.82
C ASN B 16 -6.24 16.12 -7.72
N SER B 17 -6.95 15.00 -7.82
CA SER B 17 -7.87 14.56 -6.78
C SER B 17 -7.22 13.55 -5.84
N VAL B 18 -5.98 13.18 -6.15
CA VAL B 18 -5.27 12.18 -5.36
C VAL B 18 -4.38 12.85 -4.32
N VAL B 19 -4.59 12.51 -3.05
CA VAL B 19 -3.79 13.09 -1.97
C VAL B 19 -2.85 12.06 -1.33
N ALA B 20 -1.75 12.56 -0.78
CA ALA B 20 -0.81 11.71 -0.05
C ALA B 20 -0.98 11.85 1.45
N PHE B 21 -1.25 10.73 2.11
CA PHE B 21 -0.98 10.59 3.54
C PHE B 21 0.46 10.15 3.76
N VAL B 22 0.86 10.03 5.00
CA VAL B 22 2.20 9.55 5.35
C VAL B 22 2.37 8.08 4.97
N GLY B 23 1.35 7.27 5.25
CA GLY B 23 1.44 5.83 5.08
C GLY B 23 0.65 5.30 3.90
N GLY B 24 0.00 6.19 3.16
CA GLY B 24 -0.84 5.79 2.04
C GLY B 24 -1.48 6.94 1.30
N THR B 25 -2.70 6.71 0.81
CA THR B 25 -3.28 7.51 -0.26
C THR B 25 -4.75 7.81 0.05
N GLY B 26 -5.30 8.84 -0.59
CA GLY B 26 -6.72 9.12 -0.52
C GLY B 26 -7.25 9.80 -1.78
N VAL B 27 -8.57 9.84 -1.91
CA VAL B 27 -9.22 10.52 -3.02
C VAL B 27 -10.08 11.68 -2.53
N VAL B 28 -9.90 12.85 -3.15
CA VAL B 28 -10.82 13.96 -2.97
C VAL B 28 -12.12 13.71 -3.72
N VAL B 29 -13.23 13.73 -2.98
CA VAL B 29 -14.53 13.32 -3.51
C VAL B 29 -15.52 14.48 -3.46
N GLY B 30 -15.17 15.52 -2.70
CA GLY B 30 -16.02 16.70 -2.58
C GLY B 30 -15.35 17.79 -1.77
N LYS B 31 -16.12 18.82 -1.42
CA LYS B 31 -15.59 19.95 -0.65
C LYS B 31 -14.95 19.48 0.64
N ASN B 32 -13.63 19.65 0.74
CA ASN B 32 -12.87 19.36 1.96
C ASN B 32 -12.87 17.89 2.36
N THR B 33 -13.34 17.03 1.47
CA THR B 33 -13.70 15.67 1.83
C THR B 33 -12.82 14.64 1.11
N ILE B 34 -12.13 13.82 1.90
CA ILE B 34 -11.23 12.80 1.36
C ILE B 34 -11.69 11.41 1.77
N VAL B 35 -11.71 10.49 0.81
CA VAL B 35 -11.98 9.08 1.09
C VAL B 35 -10.68 8.29 1.15
N THR B 36 -10.46 7.60 2.26
CA THR B 36 -9.34 6.70 2.38
C THR B 36 -9.72 5.52 3.24
N ASN B 37 -8.71 4.81 3.69
CA ASN B 37 -8.98 3.51 4.30
C ASN B 37 -8.83 3.83 5.88
N LYS B 38 -9.40 2.94 6.71
CA LYS B 38 -9.64 3.28 8.11
C LYS B 38 -8.33 3.28 8.87
N HIS B 39 -7.59 2.16 8.91
CA HIS B 39 -6.04 2.12 9.13
C HIS B 39 -5.14 3.30 8.76
N ILE B 40 -5.32 3.91 7.57
CA ILE B 40 -4.58 5.09 7.18
C ILE B 40 -5.05 6.33 7.96
N ALA B 41 -6.36 6.46 8.10
CA ALA B 41 -6.95 7.59 8.83
C ALA B 41 -6.56 7.57 10.31
N LYS B 42 -6.48 6.37 10.89
CA LYS B 42 -6.18 6.23 12.31
C LYS B 42 -4.68 6.31 12.59
N SER B 43 -3.87 5.83 11.65
CA SER B 43 -2.42 5.98 11.74
C SER B 43 -1.99 7.44 11.63
N ASN B 44 -2.70 8.19 10.78
CA ASN B 44 -2.44 9.62 10.63
C ASN B 44 -2.94 10.42 11.83
N ASP B 45 -3.91 9.85 12.56
CA ASP B 45 -4.56 10.56 13.65
C ASP B 45 -3.68 10.65 14.89
N ILE B 46 -2.88 9.61 15.13
CA ILE B 46 -2.03 9.56 16.33
C ILE B 46 -0.76 10.39 16.15
N PHE B 47 -0.49 10.81 14.92
CA PHE B 47 0.55 11.80 14.65
C PHE B 47 -0.03 13.19 14.42
N LYS B 48 -1.32 13.24 14.09
CA LYS B 48 -1.94 14.43 13.53
C LYS B 48 -1.10 15.08 12.43
N ASN B 49 -0.68 14.28 11.46
CA ASN B 49 0.09 14.77 10.32
C ASN B 49 -0.79 15.37 9.23
N ARG B 50 -0.17 16.10 8.31
CA ARG B 50 -0.89 16.80 7.26
C ARG B 50 -1.01 15.94 6.00
N VAL B 51 -1.92 16.33 5.11
CA VAL B 51 -2.07 15.67 3.82
C VAL B 51 -1.53 16.54 2.68
N SER B 52 -0.89 15.90 1.71
CA SER B 52 -0.31 16.61 0.58
C SER B 52 -1.16 16.44 -0.67
N ALA B 53 -1.50 17.56 -1.31
CA ALA B 53 -2.42 17.54 -2.44
C ALA B 53 -1.70 17.29 -3.76
N HIS B 54 -2.03 16.17 -4.39
CA HIS B 54 -1.43 15.75 -5.67
C HIS B 54 0.05 16.08 -5.83
N HIS B 55 0.87 15.56 -4.93
CA HIS B 55 2.32 15.69 -5.07
C HIS B 55 2.85 14.81 -6.19
N SER B 56 3.77 15.35 -6.98
CA SER B 56 4.42 14.61 -8.05
C SER B 56 5.84 15.11 -8.27
N SER B 57 6.44 14.72 -9.39
CA SER B 57 7.85 15.00 -9.65
C SER B 57 8.09 16.48 -9.99
N LYS B 58 7.24 17.05 -10.84
CA LYS B 58 7.50 18.36 -11.44
C LYS B 58 6.22 18.98 -12.00
N GLY B 59 6.05 20.30 -11.81
CA GLY B 59 5.79 20.88 -10.50
C GLY B 59 4.91 19.99 -9.62
N LYS B 60 3.63 20.34 -9.47
CA LYS B 60 3.22 21.70 -9.12
C LYS B 60 2.23 21.65 -7.96
N GLY B 61 2.74 21.69 -6.73
CA GLY B 61 2.06 21.12 -5.57
C GLY B 61 0.86 21.91 -5.11
N GLY B 62 -0.14 21.21 -4.58
CA GLY B 62 -1.43 21.80 -4.24
C GLY B 62 -1.57 22.18 -2.79
N GLY B 63 -0.53 21.91 -2.01
CA GLY B 63 -0.44 22.42 -0.64
C GLY B 63 -0.53 21.34 0.42
N ASN B 64 -0.29 21.74 1.67
CA ASN B 64 -0.34 20.81 2.81
C ASN B 64 -1.40 21.21 3.82
N TYR B 65 -2.26 20.26 4.18
CA TYR B 65 -3.53 20.58 4.84
C TYR B 65 -3.74 19.77 6.12
N ASP B 66 -4.19 20.46 7.17
CA ASP B 66 -4.47 19.81 8.46
C ASP B 66 -5.80 19.07 8.43
N VAL B 67 -5.85 17.93 9.10
CA VAL B 67 -7.10 17.19 9.27
C VAL B 67 -7.92 17.78 10.41
N LYS B 68 -9.22 17.97 10.17
CA LYS B 68 -10.10 18.55 11.19
C LYS B 68 -10.96 17.51 11.91
N ASP B 69 -11.41 16.49 11.17
CA ASP B 69 -12.11 15.36 11.77
C ASP B 69 -12.05 14.10 10.90
N ILE B 70 -12.29 12.94 11.53
CA ILE B 70 -12.39 11.67 10.83
C ILE B 70 -13.75 11.03 11.08
N VAL B 71 -14.40 10.58 10.01
CA VAL B 71 -15.62 9.78 10.12
C VAL B 71 -15.38 8.35 9.62
N GLU B 72 -15.35 7.40 10.54
CA GLU B 72 -15.27 5.98 10.18
C GLU B 72 -16.64 5.46 9.73
N TYR B 73 -16.64 4.53 8.80
CA TYR B 73 -17.86 3.84 8.41
C TYR B 73 -18.30 2.86 9.49
N PRO B 74 -19.55 2.99 9.97
CA PRO B 74 -20.15 2.05 10.91
C PRO B 74 -20.36 0.67 10.29
N GLY B 75 -19.29 -0.13 10.25
CA GLY B 75 -19.31 -1.42 9.57
C GLY B 75 -17.92 -2.03 9.48
N LYS B 76 -17.81 -3.16 8.80
CA LYS B 76 -16.55 -3.89 8.70
C LYS B 76 -15.70 -3.41 7.53
N GLU B 77 -16.32 -2.63 6.64
CA GLU B 77 -15.64 -2.13 5.44
C GLU B 77 -14.52 -1.17 5.80
N ASP B 78 -13.34 -1.40 5.22
CA ASP B 78 -12.17 -0.56 5.47
C ASP B 78 -12.32 0.79 4.77
N LEU B 79 -13.18 1.64 5.34
CA LEU B 79 -13.56 2.90 4.70
C LEU B 79 -13.64 4.01 5.75
N ALA B 80 -12.92 5.10 5.49
CA ALA B 80 -12.97 6.27 6.35
C ALA B 80 -13.10 7.56 5.54
N ILE B 81 -13.75 8.56 6.12
CA ILE B 81 -13.83 9.87 5.51
C ILE B 81 -13.01 10.88 6.32
N VAL B 82 -12.12 11.60 5.64
CA VAL B 82 -11.25 12.57 6.28
C VAL B 82 -11.58 13.97 5.80
N HIS B 83 -11.89 14.86 6.74
CA HIS B 83 -12.14 16.26 6.43
C HIS B 83 -10.93 17.13 6.77
N VAL B 84 -10.68 18.14 5.96
CA VAL B 84 -9.55 19.05 6.18
C VAL B 84 -10.01 20.48 6.46
N HIS B 85 -9.22 21.20 7.26
CA HIS B 85 -9.22 22.66 7.21
C HIS B 85 -8.79 23.13 5.83
N GLU B 86 -9.65 23.92 5.18
CA GLU B 86 -9.52 24.15 3.75
C GLU B 86 -8.43 25.15 3.40
N THR B 87 -8.07 26.00 4.36
CA THR B 87 -6.95 26.93 4.19
C THR B 87 -5.67 26.34 4.79
N SER B 88 -4.65 26.22 3.95
CA SER B 88 -3.33 25.78 4.40
C SER B 88 -2.61 26.88 5.15
N THR B 89 -1.49 26.54 5.79
CA THR B 89 -0.72 27.50 6.57
C THR B 89 0.09 28.44 5.67
N GLU B 90 0.17 28.09 4.39
CA GLU B 90 0.72 28.98 3.38
C GLU B 90 -0.34 29.91 2.81
N GLY B 91 -1.61 29.55 3.00
CA GLY B 91 -2.71 30.34 2.46
C GLY B 91 -3.33 29.72 1.22
N LEU B 92 -2.93 28.49 0.92
CA LEU B 92 -3.53 27.73 -0.17
C LEU B 92 -4.93 27.25 0.20
N ASN B 93 -5.89 27.47 -0.70
CA ASN B 93 -7.22 26.91 -0.55
C ASN B 93 -7.31 25.50 -1.11
N PHE B 94 -7.90 24.59 -0.33
CA PHE B 94 -7.98 23.18 -0.68
C PHE B 94 -8.72 22.96 -2.00
N ASN B 95 -9.89 23.59 -2.11
CA ASN B 95 -10.81 23.31 -3.21
C ASN B 95 -10.38 23.96 -4.53
N LYS B 96 -9.53 24.98 -4.43
CA LYS B 96 -8.99 25.65 -5.60
C LYS B 96 -7.82 24.86 -6.19
N ASN B 97 -7.31 23.89 -5.43
CA ASN B 97 -6.10 23.17 -5.80
C ASN B 97 -6.34 21.70 -6.12
N VAL B 98 -7.56 21.23 -5.86
CA VAL B 98 -7.94 19.86 -6.20
C VAL B 98 -9.15 19.83 -7.13
N SER B 99 -9.42 18.66 -7.69
CA SER B 99 -10.71 18.39 -8.32
C SER B 99 -11.47 17.29 -7.58
N TYR B 100 -12.75 17.13 -7.91
CA TYR B 100 -13.57 16.10 -7.29
C TYR B 100 -13.83 14.96 -8.26
N THR B 101 -13.47 13.74 -7.86
CA THR B 101 -13.70 12.56 -8.69
C THR B 101 -15.16 12.16 -8.69
N LYS B 102 -15.73 11.99 -9.89
CA LYS B 102 -17.09 11.51 -10.03
C LYS B 102 -17.17 10.01 -9.79
N PHE B 103 -18.29 9.55 -9.24
CA PHE B 103 -18.56 8.13 -9.07
C PHE B 103 -18.94 7.47 -10.38
N ALA B 104 -18.54 6.21 -10.55
CA ALA B 104 -19.11 5.36 -11.59
C ALA B 104 -20.46 4.79 -11.14
N ASP B 105 -21.32 4.49 -12.10
CA ASP B 105 -22.60 3.84 -11.83
C ASP B 105 -22.39 2.39 -11.39
N GLY B 106 -21.35 1.77 -11.91
CA GLY B 106 -20.93 0.46 -11.43
C GLY B 106 -19.73 -0.07 -12.19
N ALA B 107 -19.39 -1.33 -11.94
CA ALA B 107 -18.34 -2.01 -12.69
C ALA B 107 -18.67 -3.50 -12.86
N LYS B 108 -18.01 -4.14 -13.81
CA LYS B 108 -18.21 -5.57 -14.04
C LYS B 108 -16.91 -6.35 -13.89
N VAL B 109 -17.02 -7.66 -13.79
CA VAL B 109 -15.87 -8.56 -13.92
C VAL B 109 -15.28 -8.45 -15.32
N LYS B 110 -13.97 -8.72 -15.43
CA LYS B 110 -13.13 -8.24 -16.53
C LYS B 110 -13.28 -6.74 -16.90
N ASP B 111 -13.59 -5.86 -16.19
CA ASP B 111 -13.41 -4.48 -16.58
C ASP B 111 -11.96 -4.04 -16.36
N ARG B 112 -11.46 -3.22 -17.27
CA ARG B 112 -10.13 -2.63 -17.12
C ARG B 112 -10.16 -1.48 -16.12
N ILE B 113 -9.19 -1.47 -15.22
CA ILE B 113 -9.09 -0.42 -14.21
C ILE B 113 -7.68 0.16 -14.11
N SER B 114 -7.56 1.29 -13.43
CA SER B 114 -6.26 1.81 -13.02
C SER B 114 -6.23 2.13 -11.54
N VAL B 115 -5.06 1.94 -10.92
CA VAL B 115 -4.85 2.30 -9.52
C VAL B 115 -3.80 3.42 -9.42
N ILE B 116 -4.20 4.55 -8.86
CA ILE B 116 -3.30 5.70 -8.72
C ILE B 116 -3.01 5.99 -7.26
N GLY B 117 -1.73 5.97 -6.89
CA GLY B 117 -1.33 6.26 -5.52
C GLY B 117 0.15 6.55 -5.37
N TYR B 118 0.67 6.28 -4.18
CA TYR B 118 2.08 6.55 -3.88
C TYR B 118 2.77 5.31 -3.32
N PRO B 119 3.10 4.34 -4.19
CA PRO B 119 3.76 3.11 -3.74
C PRO B 119 5.21 3.36 -3.34
N LYS B 120 5.61 2.81 -2.19
CA LYS B 120 6.94 3.05 -1.62
C LYS B 120 7.25 4.54 -1.51
N GLY B 121 6.33 5.30 -0.93
CA GLY B 121 6.36 6.76 -1.00
C GLY B 121 7.55 7.39 -0.31
N ALA B 122 8.02 6.75 0.76
CA ALA B 122 9.17 7.24 1.51
C ALA B 122 10.48 7.00 0.75
N GLN B 123 10.59 5.83 0.13
CA GLN B 123 11.81 5.45 -0.58
C GLN B 123 11.88 6.10 -1.96
N THR B 124 10.80 6.75 -2.36
CA THR B 124 10.66 7.29 -3.72
C THR B 124 10.58 8.82 -3.68
N LYS B 125 10.26 9.36 -2.50
CA LYS B 125 9.94 10.78 -2.32
C LYS B 125 8.61 11.14 -2.99
N TYR B 126 7.67 10.21 -2.97
CA TYR B 126 6.26 10.48 -3.20
C TYR B 126 5.97 10.99 -4.62
N LYS B 127 6.65 10.39 -5.59
CA LYS B 127 6.16 10.37 -6.97
C LYS B 127 4.86 9.60 -7.07
N MET B 128 3.96 10.06 -7.93
CA MET B 128 2.68 9.39 -8.14
C MET B 128 2.79 8.36 -9.26
N PHE B 129 2.23 7.17 -9.01
CA PHE B 129 2.29 6.09 -9.98
C PHE B 129 0.89 5.60 -10.34
N GLU B 130 0.70 5.29 -11.62
CA GLU B 130 -0.54 4.68 -12.09
C GLU B 130 -0.30 3.23 -12.52
N SER B 131 -1.16 2.33 -12.04
CA SER B 131 -1.00 0.91 -12.31
C SER B 131 -2.29 0.31 -12.87
N THR B 132 -2.18 -0.30 -14.05
CA THR B 132 -3.34 -0.82 -14.75
C THR B 132 -3.60 -2.29 -14.40
N GLY B 133 -4.85 -2.71 -14.51
CA GLY B 133 -5.24 -4.08 -14.21
C GLY B 133 -6.67 -4.40 -14.55
N THR B 134 -7.16 -5.52 -14.05
CA THR B 134 -8.47 -6.05 -14.42
C THR B 134 -9.22 -6.51 -13.17
N ILE B 135 -10.52 -6.22 -13.12
CA ILE B 135 -11.38 -6.71 -12.05
C ILE B 135 -11.66 -8.20 -12.21
N ASN B 136 -11.31 -8.98 -11.18
CA ASN B 136 -11.46 -10.43 -11.24
C ASN B 136 -12.72 -10.92 -10.52
N HIS B 137 -13.20 -10.14 -9.56
CA HIS B 137 -14.30 -10.55 -8.70
C HIS B 137 -15.01 -9.34 -8.10
N ILE B 138 -16.33 -9.36 -8.12
CA ILE B 138 -17.14 -8.42 -7.34
C ILE B 138 -18.21 -9.17 -6.55
N SER B 139 -18.23 -8.97 -5.23
CA SER B 139 -19.28 -9.52 -4.39
C SER B 139 -19.64 -8.54 -3.26
N GLY B 140 -20.82 -7.94 -3.37
CA GLY B 140 -21.27 -6.95 -2.38
C GLY B 140 -20.40 -5.71 -2.39
N THR B 141 -19.78 -5.44 -1.24
CA THR B 141 -18.91 -4.28 -1.09
C THR B 141 -17.44 -4.67 -1.25
N PHE B 142 -17.21 -5.84 -1.83
CA PHE B 142 -15.86 -6.37 -2.00
C PHE B 142 -15.54 -6.56 -3.48
N MET B 143 -14.31 -6.22 -3.85
CA MET B 143 -13.81 -6.53 -5.19
C MET B 143 -12.35 -7.01 -5.16
N GLU B 144 -11.99 -7.83 -6.15
CA GLU B 144 -10.61 -8.22 -6.37
C GLU B 144 -10.11 -7.76 -7.73
N PHE B 145 -8.87 -7.32 -7.79
CA PHE B 145 -8.25 -6.90 -9.04
C PHE B 145 -6.75 -7.18 -9.05
N ASP B 146 -6.19 -7.31 -10.25
CA ASP B 146 -4.83 -7.85 -10.40
C ASP B 146 -3.82 -6.76 -10.80
N ALA B 147 -4.16 -5.50 -10.52
CA ALA B 147 -3.24 -4.39 -10.73
C ALA B 147 -2.11 -4.42 -9.70
N TYR B 148 -0.89 -4.19 -10.17
CA TYR B 148 0.30 -4.25 -9.32
C TYR B 148 0.27 -3.18 -8.24
N ALA B 149 0.46 -3.58 -6.99
CA ALA B 149 0.36 -2.67 -5.86
C ALA B 149 1.48 -2.92 -4.84
N GLN B 150 1.80 -1.89 -4.08
CA GLN B 150 2.83 -1.96 -3.04
C GLN B 150 2.34 -1.29 -1.76
N PRO B 151 3.06 -1.50 -0.64
CA PRO B 151 2.92 -0.62 0.52
C PRO B 151 2.99 0.84 0.13
N GLY B 152 1.97 1.60 0.51
CA GLY B 152 1.79 2.96 0.00
C GLY B 152 0.54 3.11 -0.85
N ASN B 153 0.07 2.00 -1.39
CA ASN B 153 -1.13 1.99 -2.23
C ASN B 153 -2.42 1.80 -1.43
N SER B 154 -2.27 1.72 -0.11
CA SER B 154 -3.43 1.65 0.78
C SER B 154 -4.25 2.93 0.72
N GLY B 155 -5.51 2.80 0.30
CA GLY B 155 -6.42 3.93 0.20
C GLY B 155 -6.47 4.54 -1.19
N SER B 156 -5.75 3.93 -2.13
CA SER B 156 -5.66 4.45 -3.50
C SER B 156 -6.97 4.26 -4.25
N PRO B 157 -7.39 5.29 -4.99
CA PRO B 157 -8.55 5.22 -5.88
C PRO B 157 -8.40 4.13 -6.95
N VAL B 158 -9.49 3.41 -7.19
CA VAL B 158 -9.58 2.53 -8.35
C VAL B 158 -10.57 3.10 -9.36
N LEU B 159 -10.05 3.44 -10.55
CA LEU B 159 -10.84 4.15 -11.56
C LEU B 159 -11.09 3.27 -12.78
N ASN B 160 -12.25 3.44 -13.41
CA ASN B 160 -12.51 2.82 -14.70
C ASN B 160 -11.89 3.58 -15.87
N SER B 161 -12.23 3.19 -17.09
CA SER B 161 -11.55 3.69 -18.28
C SER B 161 -11.92 5.14 -18.59
N LYS B 162 -13.04 5.60 -18.01
CA LYS B 162 -13.46 6.99 -18.14
C LYS B 162 -13.07 7.82 -16.91
N HIS B 163 -12.17 7.27 -16.09
CA HIS B 163 -11.64 7.95 -14.91
C HIS B 163 -12.72 8.30 -13.89
N GLU B 164 -13.60 7.36 -13.61
CA GLU B 164 -14.59 7.51 -12.55
C GLU B 164 -14.29 6.58 -11.38
N LEU B 165 -14.73 6.97 -10.18
CA LEU B 165 -14.43 6.22 -8.97
C LEU B 165 -15.26 4.95 -8.87
N ILE B 166 -14.58 3.81 -8.75
CA ILE B 166 -15.25 2.55 -8.45
C ILE B 166 -15.08 2.19 -6.98
N GLY B 167 -13.90 2.45 -6.43
CA GLY B 167 -13.63 2.23 -5.02
C GLY B 167 -12.18 2.46 -4.65
N ILE B 168 -11.79 1.96 -3.48
CA ILE B 168 -10.43 2.16 -2.98
C ILE B 168 -9.77 0.83 -2.61
N LEU B 169 -8.46 0.76 -2.79
CA LEU B 169 -7.65 -0.36 -2.31
C LEU B 169 -7.55 -0.34 -0.78
N TYR B 170 -7.60 -1.52 -0.17
CA TYR B 170 -7.42 -1.61 1.29
C TYR B 170 -6.46 -2.70 1.74
N ALA B 171 -6.29 -3.74 0.92
CA ALA B 171 -5.42 -4.86 1.28
C ALA B 171 -4.74 -5.50 0.08
N GLY B 172 -3.57 -6.07 0.30
CA GLY B 172 -2.95 -7.00 -0.65
C GLY B 172 -3.01 -8.44 -0.16
N SER B 173 -2.14 -9.28 -0.69
CA SER B 173 -2.23 -10.72 -0.45
C SER B 173 -0.89 -11.44 -0.20
N GLY B 174 0.14 -10.70 0.19
CA GLY B 174 0.56 -9.47 -0.48
C GLY B 174 1.52 -8.65 0.36
N LYS B 175 2.71 -9.18 0.58
CA LYS B 175 3.62 -8.67 1.60
C LYS B 175 4.36 -7.42 1.13
N ASP B 176 5.34 -7.61 0.25
CA ASP B 176 6.12 -6.50 -0.29
C ASP B 176 5.56 -6.01 -1.62
N GLU B 177 4.90 -6.91 -2.35
CA GLU B 177 4.21 -6.57 -3.58
C GLU B 177 3.14 -7.60 -3.90
N SER B 178 2.11 -7.18 -4.64
CA SER B 178 0.93 -8.02 -4.85
C SER B 178 0.34 -7.82 -6.24
N GLU B 179 -0.12 -8.92 -6.83
CA GLU B 179 -0.86 -8.88 -8.09
C GLU B 179 -2.18 -9.63 -7.97
N LYS B 180 -2.66 -9.81 -6.74
CA LYS B 180 -4.10 -9.84 -6.47
C LYS B 180 -4.44 -9.03 -5.23
N ASN B 181 -5.17 -7.94 -5.45
CA ASN B 181 -5.43 -6.96 -4.40
C ASN B 181 -6.91 -6.80 -4.13
N PHE B 182 -7.25 -6.37 -2.92
CA PHE B 182 -8.64 -6.31 -2.49
C PHE B 182 -9.09 -4.86 -2.31
N GLY B 183 -10.29 -4.56 -2.79
CA GLY B 183 -10.83 -3.22 -2.74
C GLY B 183 -12.21 -3.16 -2.11
N VAL B 184 -12.53 -2.02 -1.50
CA VAL B 184 -13.91 -1.69 -1.18
C VAL B 184 -14.66 -1.24 -2.43
N TYR B 185 -15.65 -2.02 -2.83
CA TYR B 185 -16.50 -1.69 -3.97
C TYR B 185 -17.65 -0.79 -3.54
N PHE B 186 -17.79 0.35 -4.21
CA PHE B 186 -18.79 1.35 -3.81
C PHE B 186 -20.19 0.98 -4.31
N THR B 187 -20.94 0.28 -3.46
CA THR B 187 -22.37 0.09 -3.67
C THR B 187 -23.13 1.39 -3.47
N PRO B 188 -24.38 1.46 -3.98
CA PRO B 188 -25.27 2.61 -3.75
C PRO B 188 -25.40 2.99 -2.28
N GLN B 189 -25.30 2.00 -1.39
CA GLN B 189 -25.34 2.25 0.05
C GLN B 189 -24.10 3.00 0.53
N LEU B 190 -22.96 2.68 -0.07
CA LEU B 190 -21.68 3.29 0.32
C LEU B 190 -21.52 4.67 -0.31
N LYS B 191 -22.05 4.84 -1.52
CA LYS B 191 -22.10 6.15 -2.17
C LYS B 191 -22.96 7.12 -1.39
N GLU B 192 -24.05 6.62 -0.81
CA GLU B 192 -24.95 7.44 -0.01
C GLU B 192 -24.29 7.88 1.30
N PHE B 193 -23.52 6.98 1.90
CA PHE B 193 -22.76 7.30 3.10
C PHE B 193 -21.73 8.39 2.84
N ILE B 194 -21.00 8.26 1.73
CA ILE B 194 -19.96 9.21 1.36
C ILE B 194 -20.55 10.60 1.07
N GLN B 195 -21.64 10.62 0.30
CA GLN B 195 -22.24 11.87 -0.16
C GLN B 195 -22.90 12.66 0.97
N ASN B 196 -23.38 11.94 1.99
CA ASN B 196 -23.99 12.57 3.16
C ASN B 196 -22.95 13.19 4.10
N ASN B 197 -21.68 12.84 3.89
CA ASN B 197 -20.60 13.36 4.72
C ASN B 197 -19.68 14.32 3.95
N ILE B 198 -20.17 14.82 2.82
CA ILE B 198 -19.46 15.86 2.08
C ILE B 198 -19.94 17.26 2.51
N GLU B 199 -19.02 18.22 2.49
CA GLU B 199 -18.95 19.25 3.52
C GLU B 199 -19.51 20.59 3.04
N LYS B 200 -20.67 20.54 2.38
CA LYS B 200 -21.09 21.64 1.51
C LYS B 200 -22.18 22.51 2.15
N GLU C 1 19.85 -12.36 20.78
CA GLU C 1 18.77 -12.53 21.79
C GLU C 1 17.43 -12.07 21.24
N LYS C 2 16.39 -12.88 21.48
CA LYS C 2 15.02 -12.47 21.16
C LYS C 2 14.18 -12.41 22.42
N ASN C 3 14.14 -11.23 23.04
CA ASN C 3 13.42 -11.02 24.29
C ASN C 3 12.68 -9.69 24.31
N VAL C 4 11.50 -9.68 23.69
CA VAL C 4 10.78 -8.44 23.43
C VAL C 4 9.51 -8.34 24.27
N LYS C 5 9.37 -7.23 24.97
CA LYS C 5 8.14 -6.95 25.73
C LYS C 5 7.50 -5.65 25.26
N GLU C 6 6.18 -5.66 25.12
CA GLU C 6 5.43 -4.44 24.85
C GLU C 6 5.35 -3.55 26.08
N ILE C 7 5.71 -2.28 25.92
CA ILE C 7 5.44 -1.27 26.94
C ILE C 7 4.04 -0.71 26.75
N THR C 8 3.11 -1.14 27.61
CA THR C 8 1.71 -0.82 27.49
C THR C 8 1.44 0.64 27.87
N ASP C 9 2.08 1.09 28.94
CA ASP C 9 1.95 2.46 29.40
C ASP C 9 3.32 3.16 29.45
N ALA C 10 3.44 4.27 28.73
CA ALA C 10 4.73 4.92 28.53
C ALA C 10 4.77 6.30 29.19
N THR C 11 3.99 6.46 30.25
CA THR C 11 3.91 7.73 30.96
C THR C 11 5.00 7.87 32.02
N LYS C 12 5.65 6.75 32.34
CA LYS C 12 6.67 6.73 33.38
C LYS C 12 8.08 6.76 32.80
N GLU C 13 9.06 7.09 33.63
CA GLU C 13 10.46 7.00 33.26
C GLU C 13 10.91 5.55 33.17
N PRO C 14 11.81 5.24 32.21
CA PRO C 14 12.40 6.17 31.24
C PRO C 14 11.59 6.25 29.95
N TYR C 15 10.39 5.69 29.95
CA TYR C 15 9.68 5.39 28.71
C TYR C 15 9.08 6.65 28.07
N ASN C 16 9.00 7.73 28.85
CA ASN C 16 8.46 8.98 28.37
C ASN C 16 9.51 9.90 27.74
N SER C 17 10.73 9.41 27.61
CA SER C 17 11.77 10.09 26.86
C SER C 17 11.87 9.57 25.43
N VAL C 18 11.11 8.52 25.14
CA VAL C 18 11.13 7.89 23.83
C VAL C 18 10.07 8.50 22.93
N VAL C 19 10.48 9.01 21.76
CA VAL C 19 9.55 9.61 20.83
C VAL C 19 9.42 8.80 19.54
N ALA C 20 8.26 8.91 18.89
CA ALA C 20 8.03 8.28 17.59
C ALA C 20 8.22 9.27 16.47
N PHE C 21 9.04 8.91 15.49
CA PHE C 21 9.00 9.54 14.18
C PHE C 21 8.15 8.72 13.22
N VAL C 22 8.01 9.20 11.99
CA VAL C 22 7.23 8.52 10.96
C VAL C 22 7.73 7.09 10.74
N GLY C 23 9.04 6.93 10.58
CA GLY C 23 9.64 5.61 10.39
C GLY C 23 10.88 5.39 11.24
N GLY C 24 10.80 5.75 12.52
CA GLY C 24 11.90 5.52 13.44
C GLY C 24 11.67 6.07 14.83
N THR C 25 12.75 6.17 15.60
CA THR C 25 12.67 6.47 17.03
C THR C 25 13.68 7.54 17.40
N GLY C 26 13.46 8.21 18.53
CA GLY C 26 14.44 9.13 19.09
C GLY C 26 14.38 9.19 20.61
N VAL C 27 15.35 9.88 21.21
CA VAL C 27 15.39 10.08 22.65
C VAL C 27 15.37 11.56 23.02
N VAL C 28 14.54 11.93 23.99
CA VAL C 28 14.60 13.26 24.58
C VAL C 28 15.78 13.38 25.54
N VAL C 29 16.66 14.34 25.29
CA VAL C 29 17.91 14.46 26.02
C VAL C 29 17.93 15.74 26.87
N GLY C 30 17.38 16.81 26.31
CA GLY C 30 17.26 18.07 27.04
C GLY C 30 16.00 18.83 26.67
N LYS C 31 15.96 20.11 27.02
CA LYS C 31 14.83 20.96 26.71
C LYS C 31 14.60 21.04 25.20
N ASN C 32 13.43 20.58 24.76
CA ASN C 32 13.02 20.62 23.35
C ASN C 32 14.00 19.92 22.40
N THR C 33 14.82 19.02 22.95
CA THR C 33 15.94 18.47 22.21
C THR C 33 15.83 16.95 22.07
N ILE C 34 15.85 16.47 20.84
CA ILE C 34 15.72 15.04 20.55
C ILE C 34 16.93 14.54 19.78
N VAL C 35 17.44 13.37 20.16
CA VAL C 35 18.55 12.75 19.44
C VAL C 35 18.07 11.53 18.64
N THR C 36 18.40 11.51 17.35
CA THR C 36 18.04 10.40 16.47
C THR C 36 19.08 10.23 15.35
N ASN C 37 18.76 9.38 14.37
CA ASN C 37 19.60 9.24 13.18
C ASN C 37 19.46 10.42 12.21
N LYS C 38 20.39 10.50 11.26
CA LYS C 38 20.36 11.56 10.26
C LYS C 38 19.24 11.36 9.24
N HIS C 39 19.06 10.13 8.78
CA HIS C 39 18.08 9.83 7.74
C HIS C 39 16.65 9.86 8.29
N ILE C 40 16.51 9.66 9.59
CA ILE C 40 15.23 9.84 10.28
C ILE C 40 14.86 11.32 10.36
N ALA C 41 15.83 12.15 10.69
CA ALA C 41 15.61 13.58 10.89
C ALA C 41 15.39 14.31 9.57
N LYS C 42 16.14 13.92 8.54
CA LYS C 42 16.16 14.65 7.28
C LYS C 42 14.95 14.33 6.40
N SER C 43 14.39 13.15 6.58
CA SER C 43 13.25 12.71 5.77
C SER C 43 11.94 13.37 6.22
N ASN C 44 12.03 14.21 7.25
CA ASN C 44 10.91 15.04 7.66
C ASN C 44 10.56 16.11 6.64
N ASP C 45 11.56 16.58 5.91
CA ASP C 45 11.43 17.76 5.05
C ASP C 45 10.62 17.47 3.78
N ILE C 46 10.27 16.21 3.58
CA ILE C 46 9.37 15.83 2.50
C ILE C 46 7.92 16.19 2.80
N PHE C 47 7.54 16.08 4.07
CA PHE C 47 6.15 16.24 4.47
C PHE C 47 5.96 17.38 5.48
N LYS C 48 7.07 17.89 5.99
CA LYS C 48 7.08 18.62 7.26
C LYS C 48 6.41 17.82 8.37
N ASN C 49 7.12 16.81 8.88
CA ASN C 49 6.52 15.80 9.75
C ASN C 49 6.54 16.20 11.22
N ARG C 50 5.66 15.58 12.00
CA ARG C 50 5.60 15.82 13.44
C ARG C 50 6.14 14.62 14.21
N VAL C 51 6.56 14.86 15.45
CA VAL C 51 6.95 13.78 16.36
C VAL C 51 5.85 13.45 17.34
N SER C 52 5.82 12.20 17.81
CA SER C 52 4.83 11.76 18.78
C SER C 52 5.49 11.31 20.08
N ALA C 53 5.14 11.96 21.18
CA ALA C 53 5.81 11.74 22.45
C ALA C 53 5.29 10.49 23.15
N HIS C 54 6.19 9.53 23.36
CA HIS C 54 5.90 8.26 24.05
C HIS C 54 4.49 7.71 23.81
N HIS C 55 4.15 7.50 22.54
CA HIS C 55 2.88 6.87 22.20
C HIS C 55 2.88 5.39 22.58
N SER C 56 1.78 4.95 23.19
CA SER C 56 1.65 3.57 23.63
C SER C 56 0.23 3.05 23.43
N SER C 57 0.03 1.76 23.70
CA SER C 57 -1.24 1.10 23.38
C SER C 57 -2.36 1.52 24.32
N LYS C 58 -2.23 1.17 25.59
CA LYS C 58 -3.15 1.66 26.62
C LYS C 58 -2.45 2.64 27.54
N GLY C 59 -2.12 3.82 27.00
CA GLY C 59 -1.38 4.83 27.74
C GLY C 59 -2.13 6.13 27.87
N LYS C 60 -1.47 7.23 27.50
CA LYS C 60 -2.09 8.55 27.57
C LYS C 60 -1.63 9.44 26.42
N GLY C 61 -0.32 9.44 26.16
CA GLY C 61 0.23 10.18 25.03
C GLY C 61 0.59 11.61 25.38
N GLY C 62 1.80 12.02 25.04
CA GLY C 62 2.36 13.29 25.51
C GLY C 62 2.25 14.40 24.47
N GLY C 63 1.65 14.09 23.33
CA GLY C 63 1.28 15.12 22.36
C GLY C 63 2.02 15.01 21.04
N ASN C 64 1.73 15.94 20.13
CA ASN C 64 2.33 15.94 18.81
C ASN C 64 2.97 17.28 18.47
N TYR C 65 4.24 17.25 18.07
CA TYR C 65 5.07 18.44 18.07
C TYR C 65 5.74 18.67 16.70
N ASP C 66 5.72 19.91 16.25
CA ASP C 66 6.37 20.28 14.99
C ASP C 66 7.88 20.38 15.15
N VAL C 67 8.61 20.02 14.09
CA VAL C 67 10.06 20.12 14.08
C VAL C 67 10.51 21.52 13.67
N LYS C 68 11.25 22.18 14.55
CA LYS C 68 11.73 23.54 14.30
C LYS C 68 12.97 23.53 13.40
N ASP C 69 14.04 22.91 13.88
CA ASP C 69 15.30 22.84 13.13
C ASP C 69 16.05 21.54 13.40
N ILE C 70 17.00 21.23 12.53
CA ILE C 70 17.81 20.01 12.66
C ILE C 70 19.30 20.36 12.62
N VAL C 71 20.04 19.87 13.62
CA VAL C 71 21.49 19.94 13.59
C VAL C 71 22.12 18.56 13.35
N GLU C 72 22.75 18.40 12.20
CA GLU C 72 23.50 17.18 11.90
C GLU C 72 24.87 17.20 12.56
N TYR C 73 25.40 16.01 12.86
CA TYR C 73 26.81 15.87 13.18
C TYR C 73 27.65 15.85 11.90
N PRO C 74 28.63 16.76 11.80
CA PRO C 74 29.38 16.97 10.57
C PRO C 74 30.30 15.79 10.21
N GLY C 75 30.58 14.93 11.19
CA GLY C 75 31.38 13.74 10.95
C GLY C 75 30.57 12.59 10.38
N LYS C 76 31.13 11.38 10.45
CA LYS C 76 30.56 10.23 9.75
C LYS C 76 29.49 9.51 10.58
N GLU C 77 29.45 9.82 11.87
CA GLU C 77 28.56 9.13 12.80
C GLU C 77 27.10 9.50 12.56
N ASP C 78 26.24 8.49 12.50
CA ASP C 78 24.84 8.68 12.13
C ASP C 78 24.04 9.32 13.27
N LEU C 79 24.20 10.62 13.43
CA LEU C 79 23.71 11.32 14.61
C LEU C 79 23.14 12.68 14.25
N ALA C 80 21.90 12.94 14.68
CA ALA C 80 21.25 14.23 14.46
C ALA C 80 20.57 14.72 15.73
N ILE C 81 20.64 16.03 15.96
CA ILE C 81 19.86 16.68 16.99
C ILE C 81 18.62 17.35 16.39
N VAL C 82 17.46 17.07 16.98
CA VAL C 82 16.20 17.63 16.53
C VAL C 82 15.62 18.59 17.57
N HIS C 83 15.34 19.81 17.15
CA HIS C 83 14.65 20.78 18.01
C HIS C 83 13.18 20.90 17.64
N VAL C 84 12.31 20.90 18.66
CA VAL C 84 10.87 21.03 18.44
C VAL C 84 10.34 22.33 19.04
N HIS C 85 9.15 22.74 18.58
CA HIS C 85 8.40 23.78 19.26
C HIS C 85 7.82 23.27 20.57
N GLU C 86 7.77 24.15 21.58
CA GLU C 86 7.36 23.78 22.93
C GLU C 86 5.89 23.36 22.98
N THR C 87 5.05 24.09 22.24
CA THR C 87 3.61 23.88 22.28
C THR C 87 3.19 22.85 21.23
N SER C 88 2.39 21.88 21.66
CA SER C 88 1.87 20.86 20.75
C SER C 88 0.71 21.39 19.92
N THR C 89 0.18 20.55 19.03
CA THR C 89 -1.01 20.87 18.26
C THR C 89 -2.26 20.87 19.14
N GLU C 90 -2.24 20.05 20.19
CA GLU C 90 -3.36 19.95 21.12
C GLU C 90 -3.25 20.96 22.24
N GLY C 91 -2.08 21.60 22.35
CA GLY C 91 -1.87 22.66 23.33
C GLY C 91 -0.97 22.25 24.49
N LEU C 92 -0.41 21.05 24.38
CA LEU C 92 0.46 20.51 25.44
C LEU C 92 1.85 21.13 25.39
N ASN C 93 2.43 21.33 26.57
CA ASN C 93 3.85 21.67 26.67
C ASN C 93 4.75 20.45 26.55
N PHE C 94 5.84 20.59 25.81
CA PHE C 94 6.76 19.49 25.56
C PHE C 94 7.43 19.02 26.84
N ASN C 95 7.96 19.98 27.61
CA ASN C 95 8.86 19.68 28.71
C ASN C 95 8.13 19.24 29.97
N LYS C 96 6.80 19.34 29.95
CA LYS C 96 5.95 18.83 31.03
C LYS C 96 5.47 17.42 30.74
N ASN C 97 5.67 16.96 29.52
CA ASN C 97 5.13 15.67 29.07
C ASN C 97 6.21 14.65 28.74
N VAL C 98 7.46 15.10 28.71
CA VAL C 98 8.60 14.20 28.54
C VAL C 98 9.46 14.16 29.81
N SER C 99 10.41 13.24 29.83
CA SER C 99 11.55 13.35 30.74
C SER C 99 12.85 13.43 29.95
N TYR C 100 13.90 13.94 30.59
CA TYR C 100 15.23 13.98 29.98
C TYR C 100 16.04 12.78 30.44
N THR C 101 16.46 11.95 29.49
CA THR C 101 17.29 10.79 29.79
C THR C 101 18.71 11.22 30.15
N LYS C 102 19.29 10.53 31.13
CA LYS C 102 20.65 10.83 31.58
C LYS C 102 21.66 10.03 30.78
N PHE C 103 22.84 10.60 30.57
CA PHE C 103 23.94 9.90 29.92
C PHE C 103 24.59 8.90 30.86
N ALA C 104 25.01 7.77 30.32
CA ALA C 104 25.82 6.80 31.07
C ALA C 104 27.27 7.26 31.14
N ASP C 105 28.03 6.67 32.06
CA ASP C 105 29.44 6.99 32.23
C ASP C 105 30.29 6.38 31.11
N GLY C 106 29.69 5.44 30.38
CA GLY C 106 30.45 4.55 29.51
C GLY C 106 29.83 3.17 29.50
N ALA C 107 30.39 2.29 28.67
CA ALA C 107 29.94 0.90 28.61
C ALA C 107 31.09 -0.06 28.37
N LYS C 108 30.93 -1.30 28.83
CA LYS C 108 31.88 -2.35 28.52
C LYS C 108 31.25 -3.40 27.59
N VAL C 109 32.09 -4.24 27.00
CA VAL C 109 31.63 -5.49 26.40
C VAL C 109 31.02 -6.40 27.48
N LYS C 110 29.96 -7.10 27.11
CA LYS C 110 29.28 -8.06 27.99
C LYS C 110 28.31 -7.39 28.96
N ASP C 111 28.12 -6.08 28.80
CA ASP C 111 27.09 -5.36 29.53
C ASP C 111 25.70 -5.68 28.99
N ARG C 112 24.76 -5.91 29.90
CA ARG C 112 23.36 -6.11 29.53
C ARG C 112 22.70 -4.78 29.20
N ILE C 113 22.04 -4.72 28.04
CA ILE C 113 21.41 -3.49 27.57
C ILE C 113 19.93 -3.71 27.24
N SER C 114 19.22 -2.61 27.00
CA SER C 114 17.87 -2.67 26.44
C SER C 114 17.68 -1.65 25.33
N VAL C 115 16.91 -2.04 24.31
CA VAL C 115 16.61 -1.16 23.19
C VAL C 115 15.10 -0.90 23.11
N ILE C 116 14.73 0.38 23.10
CA ILE C 116 13.32 0.76 23.18
C ILE C 116 12.91 1.63 21.99
N GLY C 117 11.94 1.14 21.22
CA GLY C 117 11.52 1.84 20.00
C GLY C 117 10.19 1.37 19.46
N TYR C 118 10.01 1.51 18.15
CA TYR C 118 8.73 1.24 17.51
C TYR C 118 8.90 0.31 16.32
N PRO C 119 9.23 -0.96 16.63
CA PRO C 119 9.64 -1.87 15.61
C PRO C 119 8.46 -2.44 14.87
N LYS C 120 8.49 -2.02 13.63
CA LYS C 120 7.40 -1.91 12.78
C LYS C 120 6.35 -0.83 12.69
N GLY C 121 6.15 -0.08 13.78
CA GLY C 121 5.62 1.28 13.69
C GLY C 121 4.27 1.35 13.01
N ALA C 122 4.27 1.40 11.69
CA ALA C 122 3.06 1.66 10.92
C ALA C 122 2.13 0.45 10.86
N GLN C 123 2.69 -0.74 11.09
CA GLN C 123 1.91 -1.97 11.11
C GLN C 123 1.19 -2.16 12.44
N THR C 124 1.82 -1.70 13.52
CA THR C 124 1.35 -2.00 14.87
C THR C 124 0.59 -0.83 15.48
N LYS C 125 1.02 0.39 15.17
CA LYS C 125 0.19 1.58 15.25
C LYS C 125 -0.07 2.05 16.68
N TYR C 126 0.79 2.94 17.18
CA TYR C 126 2.24 2.77 17.12
C TYR C 126 2.75 2.20 18.43
N LYS C 127 2.91 0.87 18.46
CA LYS C 127 3.20 0.16 19.71
C LYS C 127 4.66 0.30 20.11
N MET C 128 4.91 0.57 21.38
CA MET C 128 6.25 0.72 21.90
C MET C 128 6.75 -0.61 22.49
N PHE C 129 7.97 -0.98 22.14
CA PHE C 129 8.54 -2.27 22.54
C PHE C 129 9.90 -2.10 23.21
N GLU C 130 10.21 -3.02 24.12
CA GLU C 130 11.53 -3.05 24.75
C GLU C 130 12.22 -4.39 24.49
N SER C 131 13.44 -4.32 23.96
CA SER C 131 14.18 -5.51 23.57
C SER C 131 15.54 -5.55 24.27
N THR C 132 15.82 -6.65 24.96
CA THR C 132 17.03 -6.77 25.77
C THR C 132 18.10 -7.58 25.06
N GLY C 133 19.37 -7.24 25.30
CA GLY C 133 20.49 -7.96 24.72
C GLY C 133 21.81 -7.62 25.37
N THR C 134 22.90 -7.92 24.67
CA THR C 134 24.25 -7.76 25.23
C THR C 134 25.16 -7.07 24.22
N ILE C 135 26.00 -6.16 24.73
CA ILE C 135 27.04 -5.54 23.91
C ILE C 135 28.16 -6.53 23.61
N ASN C 136 28.46 -6.70 22.33
CA ASN C 136 29.47 -7.66 21.89
C ASN C 136 30.77 -6.99 21.44
N HIS C 137 30.69 -5.72 21.07
CA HIS C 137 31.83 -5.00 20.51
C HIS C 137 31.73 -3.50 20.77
N ILE C 138 32.83 -2.91 21.23
CA ILE C 138 32.95 -1.46 21.27
C ILE C 138 34.29 -1.03 20.65
N SER C 139 34.21 -0.23 19.59
CA SER C 139 35.40 0.38 18.99
C SER C 139 35.16 1.84 18.63
N GLY C 140 35.73 2.74 19.43
CA GLY C 140 35.55 4.17 19.23
C GLY C 140 34.11 4.61 19.42
N THR C 141 33.49 5.04 18.33
CA THR C 141 32.09 5.47 18.36
C THR C 141 31.17 4.38 17.81
N PHE C 142 31.76 3.24 17.47
CA PHE C 142 31.00 2.10 16.96
C PHE C 142 30.74 1.08 18.06
N MET C 143 29.50 0.60 18.15
CA MET C 143 29.20 -0.53 19.02
C MET C 143 28.29 -1.56 18.34
N GLU C 144 28.42 -2.82 18.77
CA GLU C 144 27.57 -3.90 18.29
C GLU C 144 26.83 -4.58 19.45
N PHE C 145 25.55 -4.83 19.26
CA PHE C 145 24.74 -5.49 20.28
C PHE C 145 23.70 -6.43 19.65
N ASP C 146 23.31 -7.45 20.41
CA ASP C 146 22.58 -8.58 19.83
C ASP C 146 21.10 -8.60 20.23
N ALA C 147 20.61 -7.47 20.72
CA ALA C 147 19.19 -7.31 21.00
C ALA C 147 18.37 -7.33 19.73
N TYR C 148 17.22 -8.02 19.78
CA TYR C 148 16.33 -8.16 18.64
C TYR C 148 15.84 -6.79 18.16
N ALA C 149 15.85 -6.59 16.85
CA ALA C 149 15.45 -5.31 16.27
C ALA C 149 14.79 -5.48 14.90
N GLN C 150 13.80 -4.64 14.63
CA GLN C 150 13.13 -4.59 13.33
C GLN C 150 13.14 -3.17 12.79
N PRO C 151 12.97 -2.99 11.47
CA PRO C 151 12.82 -1.67 10.87
C PRO C 151 11.82 -0.79 11.62
N GLY C 152 12.23 0.44 11.94
CA GLY C 152 11.51 1.26 12.89
C GLY C 152 12.26 1.46 14.19
N ASN C 153 13.27 0.63 14.40
CA ASN C 153 14.16 0.78 15.56
C ASN C 153 15.34 1.71 15.29
N SER C 154 15.34 2.33 14.12
CA SER C 154 16.36 3.31 13.76
C SER C 154 16.29 4.54 14.66
N GLY C 155 17.30 4.74 15.48
CA GLY C 155 17.39 5.90 16.36
C GLY C 155 16.90 5.61 17.76
N SER C 156 16.66 4.33 18.05
CA SER C 156 16.22 3.90 19.38
C SER C 156 17.32 4.07 20.41
N PRO C 157 16.96 4.58 21.61
CA PRO C 157 17.85 4.60 22.77
C PRO C 157 18.36 3.21 23.12
N VAL C 158 19.68 3.09 23.29
CA VAL C 158 20.27 1.95 23.98
C VAL C 158 20.61 2.32 25.42
N LEU C 159 19.91 1.70 26.37
CA LEU C 159 20.06 2.01 27.78
C LEU C 159 20.71 0.86 28.53
N ASN C 160 21.44 1.19 29.59
CA ASN C 160 21.93 0.17 30.53
C ASN C 160 20.88 -0.20 31.58
N SER C 161 21.31 -0.90 32.62
CA SER C 161 20.40 -1.55 33.55
C SER C 161 19.75 -0.56 34.52
N LYS C 162 20.32 0.64 34.63
CA LYS C 162 19.69 1.73 35.35
C LYS C 162 19.22 2.83 34.41
N HIS C 163 19.00 2.48 33.15
CA HIS C 163 18.26 3.31 32.19
C HIS C 163 18.97 4.62 31.88
N GLU C 164 20.30 4.58 31.82
CA GLU C 164 21.09 5.69 31.32
C GLU C 164 21.50 5.45 29.87
N LEU C 165 21.64 6.54 29.11
CA LEU C 165 21.82 6.45 27.67
C LEU C 165 23.26 6.13 27.30
N ILE C 166 23.44 5.01 26.60
CA ILE C 166 24.75 4.64 26.06
C ILE C 166 24.93 5.15 24.64
N GLY C 167 23.89 4.95 23.82
CA GLY C 167 23.88 5.47 22.45
C GLY C 167 22.59 5.15 21.73
N ILE C 168 22.61 5.20 20.41
CA ILE C 168 21.43 4.91 19.60
C ILE C 168 21.73 3.93 18.46
N LEU C 169 20.74 3.11 18.11
CA LEU C 169 20.82 2.24 16.95
C LEU C 169 20.79 3.06 15.66
N TYR C 170 21.59 2.64 14.67
CA TYR C 170 21.57 3.28 13.37
C TYR C 170 21.43 2.29 12.21
N ALA C 171 21.87 1.05 12.42
CA ALA C 171 21.77 0.01 11.40
C ALA C 171 21.64 -1.38 12.01
N GLY C 172 21.21 -2.34 11.19
CA GLY C 172 21.31 -3.75 11.54
C GLY C 172 21.69 -4.60 10.34
N SER C 173 21.82 -5.90 10.57
CA SER C 173 21.97 -6.88 9.49
C SER C 173 20.63 -7.51 9.14
N GLY C 174 20.42 -7.78 7.85
CA GLY C 174 19.19 -8.40 7.39
C GLY C 174 18.05 -7.40 7.22
N LYS C 175 17.07 -7.77 6.41
CA LYS C 175 16.11 -6.81 5.88
C LYS C 175 14.98 -6.51 6.87
N ASP C 176 14.44 -7.56 7.49
CA ASP C 176 13.15 -7.46 8.16
C ASP C 176 13.24 -7.73 9.65
N GLU C 177 14.30 -8.44 10.06
CA GLU C 177 14.60 -8.64 11.47
C GLU C 177 16.09 -8.86 11.69
N SER C 178 16.55 -8.60 12.91
CA SER C 178 17.97 -8.49 13.19
C SER C 178 18.29 -8.76 14.66
N GLU C 179 19.07 -9.80 14.91
CA GLU C 179 19.68 -10.01 16.22
C GLU C 179 21.17 -9.69 16.20
N LYS C 180 21.56 -8.85 15.26
CA LYS C 180 22.93 -8.35 15.18
C LYS C 180 22.95 -6.91 14.70
N ASN C 181 23.13 -5.98 15.65
CA ASN C 181 22.72 -4.60 15.43
C ASN C 181 23.82 -3.60 15.80
N PHE C 182 23.86 -2.48 15.08
CA PHE C 182 24.97 -1.54 15.17
C PHE C 182 24.51 -0.19 15.71
N GLY C 183 25.30 0.37 16.61
CA GLY C 183 24.91 1.59 17.30
C GLY C 183 26.00 2.66 17.27
N VAL C 184 25.58 3.90 17.45
CA VAL C 184 26.52 4.99 17.74
C VAL C 184 26.82 5.04 19.23
N TYR C 185 28.06 4.72 19.59
CA TYR C 185 28.51 4.80 20.99
C TYR C 185 28.90 6.23 21.34
N PHE C 186 28.26 6.78 22.37
CA PHE C 186 28.48 8.17 22.75
C PHE C 186 29.78 8.35 23.52
N THR C 187 30.81 8.80 22.81
CA THR C 187 32.04 9.27 23.44
C THR C 187 31.83 10.64 24.08
N PRO C 188 32.73 11.02 25.01
CA PRO C 188 32.74 12.38 25.57
C PRO C 188 32.68 13.48 24.50
N GLN C 189 33.32 13.24 23.36
CA GLN C 189 33.32 14.20 22.26
C GLN C 189 31.94 14.33 21.62
N LEU C 190 31.24 13.21 21.50
CA LEU C 190 29.88 13.20 20.96
C LEU C 190 28.89 13.79 21.95
N LYS C 191 29.08 13.50 23.23
CA LYS C 191 28.22 14.00 24.29
C LYS C 191 28.35 15.51 24.45
N GLU C 192 29.52 16.04 24.11
CA GLU C 192 29.75 17.48 24.14
C GLU C 192 29.00 18.19 23.02
N PHE C 193 28.95 17.57 21.85
CA PHE C 193 28.22 18.11 20.70
C PHE C 193 26.72 18.16 20.96
N ILE C 194 26.20 17.09 21.57
CA ILE C 194 24.79 17.02 21.94
C ILE C 194 24.44 18.10 22.97
N GLN C 195 25.29 18.23 23.99
CA GLN C 195 25.05 19.18 25.07
C GLN C 195 25.13 20.63 24.59
N ASN C 196 26.01 20.89 23.64
CA ASN C 196 26.13 22.22 23.03
C ASN C 196 24.86 22.63 22.27
N ASN C 197 24.10 21.65 21.82
CA ASN C 197 22.91 21.90 21.02
C ASN C 197 21.61 21.60 21.76
N ILE C 198 21.70 21.51 23.09
CA ILE C 198 20.52 21.43 23.94
C ILE C 198 19.95 22.82 24.22
N GLU C 199 18.64 22.97 24.10
CA GLU C 199 18.00 24.28 24.24
C GLU C 199 18.09 24.80 25.67
N LYS C 200 18.67 26.00 25.82
CA LYS C 200 18.71 26.68 27.11
C LYS C 200 18.69 28.19 26.92
N GLU D 1 -17.95 -24.11 -2.34
CA GLU D 1 -18.83 -25.23 -1.91
C GLU D 1 -19.91 -24.76 -0.95
N LYS D 2 -21.03 -25.48 -0.94
CA LYS D 2 -22.04 -25.31 0.10
C LYS D 2 -22.35 -26.64 0.79
N ASN D 3 -21.31 -27.24 1.36
CA ASN D 3 -21.44 -28.54 2.02
C ASN D 3 -21.33 -28.43 3.54
N VAL D 4 -22.46 -28.16 4.19
CA VAL D 4 -22.48 -27.81 5.60
C VAL D 4 -23.32 -28.79 6.40
N LYS D 5 -22.72 -29.39 7.42
CA LYS D 5 -23.45 -30.26 8.35
C LYS D 5 -23.28 -29.80 9.79
N GLU D 6 -24.37 -29.87 10.55
CA GLU D 6 -24.32 -29.60 11.98
C GLU D 6 -23.62 -30.72 12.74
N ILE D 7 -22.67 -30.34 13.59
CA ILE D 7 -22.12 -31.27 14.57
C ILE D 7 -22.97 -31.30 15.84
N THR D 8 -23.71 -32.39 16.02
CA THR D 8 -24.66 -32.52 17.11
C THR D 8 -23.94 -32.73 18.45
N ASP D 9 -22.92 -33.58 18.44
CA ASP D 9 -22.13 -33.85 19.64
C ASP D 9 -20.69 -33.40 19.46
N ALA D 10 -20.30 -32.39 20.23
CA ALA D 10 -18.95 -31.83 20.15
C ALA D 10 -18.06 -32.31 21.29
N THR D 11 -18.24 -33.57 21.67
CA THR D 11 -17.52 -34.15 22.81
C THR D 11 -16.19 -34.77 22.35
N LYS D 12 -16.21 -35.39 21.18
CA LYS D 12 -15.04 -36.10 20.69
C LYS D 12 -14.11 -35.19 19.90
N GLU D 13 -12.89 -35.66 19.64
CA GLU D 13 -11.92 -34.93 18.84
C GLU D 13 -12.25 -35.02 17.35
N PRO D 14 -11.95 -33.96 16.59
CA PRO D 14 -11.28 -32.74 17.02
C PRO D 14 -12.27 -31.65 17.46
N TYR D 15 -13.52 -32.05 17.68
CA TYR D 15 -14.61 -31.09 17.80
C TYR D 15 -14.65 -30.43 19.18
N ASN D 16 -13.99 -31.05 20.15
CA ASN D 16 -13.95 -30.53 21.51
C ASN D 16 -12.80 -29.55 21.74
N SER D 17 -12.08 -29.21 20.68
CA SER D 17 -11.04 -28.19 20.73
C SER D 17 -11.54 -26.86 20.16
N VAL D 18 -12.77 -26.86 19.66
CA VAL D 18 -13.37 -25.67 19.07
C VAL D 18 -14.23 -24.95 20.12
N VAL D 19 -13.90 -23.69 20.39
CA VAL D 19 -14.63 -22.91 21.37
C VAL D 19 -15.48 -21.82 20.73
N ALA D 20 -16.60 -21.49 21.38
CA ALA D 20 -17.46 -20.39 20.94
C ALA D 20 -17.07 -19.10 21.64
N PHE D 21 -16.70 -18.09 20.86
CA PHE D 21 -16.70 -16.72 21.34
C PHE D 21 -18.08 -16.09 21.13
N VAL D 22 -18.25 -14.87 21.65
CA VAL D 22 -19.57 -14.28 21.75
C VAL D 22 -20.07 -13.76 20.40
N GLY D 23 -19.14 -13.57 19.46
CA GLY D 23 -19.48 -13.35 18.06
C GLY D 23 -18.46 -13.92 17.11
N GLY D 24 -17.92 -15.09 17.44
CA GLY D 24 -16.91 -15.73 16.63
C GLY D 24 -16.44 -17.07 17.17
N THR D 25 -15.28 -17.53 16.70
CA THR D 25 -14.81 -18.88 16.96
C THR D 25 -13.34 -18.88 17.35
N GLY D 26 -12.91 -19.90 18.09
CA GLY D 26 -11.49 -20.10 18.39
C GLY D 26 -11.11 -21.57 18.48
N VAL D 27 -9.80 -21.83 18.49
CA VAL D 27 -9.27 -23.18 18.66
C VAL D 27 -8.40 -23.30 19.90
N VAL D 28 -8.60 -24.37 20.67
CA VAL D 28 -7.70 -24.69 21.77
C VAL D 28 -6.41 -25.29 21.25
N VAL D 29 -5.29 -24.67 21.60
CA VAL D 29 -3.99 -25.02 21.02
C VAL D 29 -3.05 -25.60 22.08
N GLY D 30 -3.39 -25.40 23.34
CA GLY D 30 -2.56 -25.88 24.45
C GLY D 30 -3.22 -25.62 25.80
N LYS D 31 -2.42 -25.65 26.85
CA LYS D 31 -2.93 -25.49 28.21
C LYS D 31 -3.50 -24.08 28.43
N ASN D 32 -4.83 -24.01 28.58
CA ASN D 32 -5.53 -22.74 28.79
C ASN D 32 -5.23 -21.69 27.73
N THR D 33 -5.06 -22.13 26.48
CA THR D 33 -4.58 -21.25 25.42
C THR D 33 -5.41 -21.41 24.14
N ILE D 34 -6.04 -20.32 23.70
CA ILE D 34 -6.93 -20.34 22.55
C ILE D 34 -6.41 -19.43 21.45
N VAL D 35 -6.53 -19.90 20.20
CA VAL D 35 -6.15 -19.10 19.04
C VAL D 35 -7.38 -18.60 18.28
N THR D 36 -7.44 -17.29 18.06
CA THR D 36 -8.53 -16.67 17.31
C THR D 36 -8.08 -15.38 16.63
N ASN D 37 -9.03 -14.66 16.02
CA ASN D 37 -8.75 -13.34 15.45
C ASN D 37 -8.55 -12.27 16.51
N LYS D 38 -7.95 -11.15 16.12
CA LYS D 38 -7.68 -10.04 17.04
C LYS D 38 -8.96 -9.34 17.47
N HIS D 39 -9.87 -9.11 16.51
CA HIS D 39 -11.10 -8.37 16.78
C HIS D 39 -12.12 -9.23 17.54
N ILE D 40 -11.95 -10.54 17.45
CA ILE D 40 -12.75 -11.48 18.23
C ILE D 40 -12.21 -11.59 19.66
N ALA D 41 -10.89 -11.60 19.79
CA ALA D 41 -10.25 -11.75 21.09
C ALA D 41 -10.43 -10.52 21.97
N LYS D 42 -10.07 -9.36 21.43
CA LYS D 42 -10.21 -8.09 22.15
C LYS D 42 -11.65 -7.60 22.12
N SER D 43 -12.58 -8.49 21.78
CA SER D 43 -14.00 -8.15 21.67
C SER D 43 -14.47 -7.34 22.86
N ASN D 44 -15.02 -6.16 22.58
CA ASN D 44 -14.82 -4.98 23.42
C ASN D 44 -15.84 -4.87 24.55
N ASP D 45 -15.34 -4.65 25.77
CA ASP D 45 -15.80 -5.41 26.93
C ASP D 45 -16.21 -4.53 28.11
N ILE D 46 -17.23 -3.71 27.88
CA ILE D 46 -18.43 -3.66 28.73
C ILE D 46 -18.71 -4.92 29.58
N PHE D 47 -19.68 -5.73 29.20
CA PHE D 47 -19.47 -6.98 28.44
C PHE D 47 -18.21 -7.74 28.87
N LYS D 48 -18.37 -8.68 29.80
CA LYS D 48 -17.25 -9.51 30.24
C LYS D 48 -16.86 -10.53 29.17
N ASN D 49 -15.55 -10.67 28.95
CA ASN D 49 -15.03 -11.55 27.92
C ASN D 49 -15.10 -13.02 28.32
N ARG D 50 -15.94 -13.78 27.62
CA ARG D 50 -16.21 -15.17 28.00
C ARG D 50 -16.19 -16.09 26.77
N VAL D 51 -15.64 -17.29 26.96
CA VAL D 51 -15.72 -18.34 25.95
C VAL D 51 -16.62 -19.49 26.40
N SER D 52 -17.11 -20.26 25.43
CA SER D 52 -17.85 -21.48 25.73
C SER D 52 -17.20 -22.67 25.03
N ALA D 53 -16.79 -23.67 25.82
CA ALA D 53 -16.03 -24.79 25.28
C ALA D 53 -16.94 -25.77 24.53
N HIS D 54 -16.68 -25.90 23.22
CA HIS D 54 -17.42 -26.79 22.32
C HIS D 54 -18.90 -26.96 22.64
N HIS D 55 -19.62 -25.84 22.69
CA HIS D 55 -21.07 -25.85 22.83
C HIS D 55 -21.74 -26.46 21.60
N SER D 56 -22.75 -27.28 21.84
CA SER D 56 -23.58 -27.83 20.77
C SER D 56 -25.01 -28.05 21.24
N SER D 57 -25.86 -28.51 20.33
CA SER D 57 -27.29 -28.64 20.62
C SER D 57 -27.58 -29.83 21.54
N LYS D 58 -26.95 -30.96 21.25
CA LYS D 58 -27.07 -32.14 22.09
C LYS D 58 -25.72 -32.79 22.35
N GLY D 59 -24.93 -32.17 23.22
CA GLY D 59 -23.52 -32.50 23.35
C GLY D 59 -23.06 -32.68 24.79
N LYS D 60 -23.51 -31.79 25.66
CA LYS D 60 -23.00 -31.68 27.04
C LYS D 60 -21.50 -31.41 27.09
N GLY D 61 -21.11 -30.20 26.71
CA GLY D 61 -19.81 -29.64 27.11
C GLY D 61 -19.92 -28.87 28.40
N GLY D 62 -19.35 -27.67 28.45
CA GLY D 62 -17.93 -27.45 28.20
C GLY D 62 -17.22 -27.05 29.47
N GLY D 63 -17.47 -25.83 29.94
CA GLY D 63 -17.40 -24.64 29.09
C GLY D 63 -18.29 -23.48 29.49
N ASN D 64 -17.86 -22.71 30.48
CA ASN D 64 -17.99 -21.25 30.42
C ASN D 64 -16.84 -20.55 31.18
N TYR D 65 -15.84 -20.10 30.43
CA TYR D 65 -14.58 -19.68 31.02
C TYR D 65 -14.32 -18.19 30.79
N ASP D 66 -13.86 -17.51 31.84
CA ASP D 66 -13.48 -16.11 31.75
C ASP D 66 -12.10 -15.95 31.10
N VAL D 67 -11.98 -14.96 30.24
CA VAL D 67 -10.70 -14.63 29.61
C VAL D 67 -9.77 -13.93 30.61
N LYS D 68 -8.57 -14.47 30.76
CA LYS D 68 -7.58 -13.93 31.69
C LYS D 68 -6.77 -12.80 31.07
N ASP D 69 -6.09 -13.10 29.97
CA ASP D 69 -5.31 -12.10 29.25
C ASP D 69 -5.26 -12.41 27.75
N ILE D 70 -4.79 -11.44 26.97
CA ILE D 70 -4.77 -11.54 25.51
C ILE D 70 -3.42 -11.09 24.96
N VAL D 71 -2.80 -11.92 24.12
CA VAL D 71 -1.60 -11.54 23.40
C VAL D 71 -1.87 -11.39 21.90
N GLU D 72 -1.80 -10.16 21.41
CA GLU D 72 -1.90 -9.90 19.98
C GLU D 72 -0.56 -10.17 19.29
N TYR D 73 -0.62 -10.59 18.03
CA TYR D 73 0.58 -10.68 17.21
C TYR D 73 1.07 -9.30 16.78
N PRO D 74 2.36 -9.02 17.00
CA PRO D 74 2.99 -7.78 16.53
C PRO D 74 3.19 -7.77 15.00
N GLY D 75 2.09 -7.65 14.27
CA GLY D 75 2.15 -7.64 12.82
C GLY D 75 0.78 -7.40 12.20
N LYS D 76 0.67 -7.59 10.89
CA LYS D 76 -0.56 -7.32 10.16
C LYS D 76 -1.53 -8.49 10.23
N GLU D 77 -1.03 -9.65 10.68
CA GLU D 77 -1.80 -10.89 10.64
C GLU D 77 -2.87 -10.90 11.73
N ASP D 78 -4.10 -11.24 11.32
CA ASP D 78 -5.23 -11.25 12.24
C ASP D 78 -5.20 -12.48 13.14
N LEU D 79 -4.39 -12.39 14.20
CA LEU D 79 -4.04 -13.55 15.00
C LEU D 79 -3.79 -13.14 16.45
N ALA D 80 -4.47 -13.80 17.38
CA ALA D 80 -4.35 -13.49 18.80
C ALA D 80 -4.38 -14.75 19.66
N ILE D 81 -3.59 -14.75 20.72
CA ILE D 81 -3.66 -15.80 21.74
C ILE D 81 -4.55 -15.37 22.90
N VAL D 82 -5.50 -16.24 23.27
CA VAL D 82 -6.37 -15.99 24.40
C VAL D 82 -6.07 -16.98 25.52
N HIS D 83 -5.76 -16.45 26.70
CA HIS D 83 -5.68 -17.27 27.90
C HIS D 83 -6.96 -17.18 28.73
N VAL D 84 -7.43 -18.32 29.21
CA VAL D 84 -8.61 -18.37 30.08
C VAL D 84 -8.22 -18.73 31.51
N HIS D 85 -9.07 -18.35 32.46
CA HIS D 85 -9.03 -18.90 33.80
C HIS D 85 -9.46 -20.37 33.78
N GLU D 86 -8.71 -21.22 34.47
CA GLU D 86 -8.79 -22.66 34.27
C GLU D 86 -10.08 -23.25 34.82
N THR D 87 -10.56 -22.71 35.93
CA THR D 87 -11.83 -23.12 36.50
C THR D 87 -12.97 -22.28 35.94
N SER D 88 -14.06 -22.94 35.56
CA SER D 88 -15.20 -22.27 34.95
C SER D 88 -16.10 -21.62 35.99
N THR D 89 -17.23 -21.08 35.53
CA THR D 89 -18.30 -20.64 36.42
C THR D 89 -18.99 -21.84 37.07
N GLU D 90 -19.04 -22.95 36.34
CA GLU D 90 -19.68 -24.17 36.84
C GLU D 90 -18.81 -24.89 37.86
N GLY D 91 -17.51 -24.60 37.84
CA GLY D 91 -16.54 -25.30 38.67
C GLY D 91 -15.74 -26.32 37.88
N LEU D 92 -15.83 -26.25 36.56
CA LEU D 92 -15.24 -27.25 35.68
C LEU D 92 -13.82 -26.86 35.27
N ASN D 93 -12.94 -27.86 35.21
CA ASN D 93 -11.57 -27.64 34.74
C ASN D 93 -11.49 -27.59 33.22
N PHE D 94 -10.73 -26.63 32.71
CA PHE D 94 -10.65 -26.37 31.27
C PHE D 94 -10.02 -27.54 30.52
N ASN D 95 -8.88 -28.01 31.02
CA ASN D 95 -8.02 -28.91 30.26
C ASN D 95 -8.51 -30.36 30.31
N LYS D 96 -9.46 -30.63 31.19
CA LYS D 96 -10.10 -31.94 31.26
C LYS D 96 -11.36 -32.00 30.39
N ASN D 97 -11.67 -30.88 29.73
CA ASN D 97 -12.89 -30.76 28.95
C ASN D 97 -12.63 -30.41 27.49
N VAL D 98 -11.38 -30.10 27.17
CA VAL D 98 -10.98 -29.86 25.78
C VAL D 98 -9.86 -30.80 25.36
N SER D 99 -9.63 -30.89 24.05
CA SER D 99 -8.39 -31.46 23.53
C SER D 99 -7.53 -30.38 22.88
N TYR D 100 -6.28 -30.72 22.59
CA TYR D 100 -5.37 -29.79 21.92
C TYR D 100 -5.17 -30.18 20.45
N THR D 101 -5.36 -29.22 19.56
CA THR D 101 -5.18 -29.45 18.13
C THR D 101 -3.70 -29.40 17.76
N LYS D 102 -3.24 -30.43 17.07
CA LYS D 102 -1.87 -30.47 16.54
C LYS D 102 -1.75 -29.62 15.28
N PHE D 103 -0.57 -29.05 15.07
CA PHE D 103 -0.30 -28.27 13.87
C PHE D 103 -0.06 -29.18 12.67
N ALA D 104 -0.43 -28.71 11.49
CA ALA D 104 -0.03 -29.34 10.23
C ALA D 104 1.44 -29.07 9.94
N ASP D 105 2.06 -30.00 9.21
CA ASP D 105 3.37 -29.77 8.62
C ASP D 105 3.30 -28.68 7.56
N GLY D 106 2.19 -28.64 6.84
CA GLY D 106 1.91 -27.59 5.88
C GLY D 106 0.66 -27.87 5.08
N ALA D 107 0.40 -27.05 4.07
CA ALA D 107 -0.65 -27.33 3.11
C ALA D 107 -0.25 -26.86 1.71
N LYS D 108 -0.82 -27.50 0.69
CA LYS D 108 -0.64 -27.05 -0.68
C LYS D 108 -1.97 -26.67 -1.33
N VAL D 109 -1.90 -26.07 -2.51
CA VAL D 109 -3.10 -25.73 -3.27
C VAL D 109 -3.86 -26.97 -3.69
N LYS D 110 -5.19 -26.87 -3.71
CA LYS D 110 -6.08 -27.96 -4.12
C LYS D 110 -6.20 -29.06 -3.07
N ASP D 111 -5.79 -28.76 -1.84
CA ASP D 111 -6.02 -29.65 -0.70
C ASP D 111 -7.46 -29.52 -0.19
N ARG D 112 -8.05 -30.65 0.17
CA ARG D 112 -9.37 -30.66 0.81
C ARG D 112 -9.28 -30.25 2.27
N ILE D 113 -10.09 -29.28 2.66
CA ILE D 113 -10.08 -28.76 4.03
C ILE D 113 -11.47 -28.77 4.65
N SER D 114 -11.53 -28.66 5.97
CA SER D 114 -12.79 -28.46 6.67
C SER D 114 -12.72 -27.27 7.63
N VAL D 115 -13.79 -26.49 7.67
CA VAL D 115 -13.88 -25.33 8.55
C VAL D 115 -14.94 -25.54 9.61
N ILE D 116 -14.54 -25.50 10.88
CA ILE D 116 -15.45 -25.74 11.99
C ILE D 116 -15.62 -24.48 12.84
N GLY D 117 -16.86 -24.02 12.98
CA GLY D 117 -17.13 -22.78 13.69
C GLY D 117 -18.58 -22.63 14.11
N TYR D 118 -18.97 -21.39 14.40
CA TYR D 118 -20.32 -21.09 14.89
C TYR D 118 -20.99 -20.01 14.07
N PRO D 119 -21.41 -20.35 12.83
CA PRO D 119 -22.02 -19.36 11.95
C PRO D 119 -23.42 -18.95 12.41
N LYS D 120 -23.65 -17.65 12.51
CA LYS D 120 -24.89 -17.10 13.06
C LYS D 120 -25.25 -17.73 14.40
N GLY D 121 -24.31 -17.68 15.34
CA GLY D 121 -24.43 -18.40 16.60
C GLY D 121 -25.46 -17.81 17.55
N ALA D 122 -25.62 -16.49 17.49
CA ALA D 122 -26.54 -15.79 18.36
C ALA D 122 -28.00 -16.06 17.99
N GLN D 123 -28.23 -16.41 16.72
CA GLN D 123 -29.56 -16.71 16.24
C GLN D 123 -29.91 -18.19 16.38
N THR D 124 -28.89 -19.03 16.32
CA THR D 124 -29.09 -20.48 16.30
C THR D 124 -28.88 -21.10 17.68
N LYS D 125 -28.67 -20.25 18.68
CA LYS D 125 -28.22 -20.67 20.01
C LYS D 125 -26.93 -21.48 19.95
N TYR D 126 -26.02 -21.06 19.06
CA TYR D 126 -24.65 -21.55 19.03
C TYR D 126 -24.57 -23.06 18.78
N LYS D 127 -25.16 -23.51 17.67
CA LYS D 127 -24.89 -24.82 17.13
C LYS D 127 -23.56 -24.84 16.39
N MET D 128 -22.83 -25.94 16.51
CA MET D 128 -21.55 -26.09 15.82
C MET D 128 -21.76 -26.67 14.42
N PHE D 129 -21.08 -26.07 13.44
CA PHE D 129 -21.20 -26.50 12.05
C PHE D 129 -19.84 -26.81 11.44
N GLU D 130 -19.80 -27.83 10.58
CA GLU D 130 -18.61 -28.14 9.81
C GLU D 130 -18.85 -27.87 8.32
N SER D 131 -17.90 -27.17 7.70
CA SER D 131 -18.04 -26.77 6.31
C SER D 131 -16.79 -27.10 5.51
N THR D 132 -16.96 -27.85 4.42
CA THR D 132 -15.82 -28.38 3.66
C THR D 132 -15.58 -27.58 2.39
N GLY D 133 -14.32 -27.51 1.97
CA GLY D 133 -13.94 -26.81 0.75
C GLY D 133 -12.53 -27.12 0.30
N THR D 134 -12.00 -26.27 -0.56
CA THR D 134 -10.69 -26.50 -1.17
C THR D 134 -9.82 -25.24 -1.10
N ILE D 135 -8.53 -25.42 -0.86
CA ILE D 135 -7.58 -24.31 -0.88
C ILE D 135 -7.26 -23.88 -2.31
N ASN D 136 -7.54 -22.62 -2.61
CA ASN D 136 -7.38 -22.10 -3.98
C ASN D 136 -6.07 -21.33 -4.16
N HIS D 137 -5.53 -20.80 -3.08
CA HIS D 137 -4.37 -19.91 -3.15
C HIS D 137 -3.63 -19.87 -1.81
N ILE D 138 -2.31 -20.04 -1.86
CA ILE D 138 -1.45 -19.79 -0.70
C ILE D 138 -0.31 -18.85 -1.07
N SER D 139 -0.21 -17.74 -0.35
CA SER D 139 0.90 -16.80 -0.52
C SER D 139 1.43 -16.32 0.82
N GLY D 140 2.53 -16.93 1.27
CA GLY D 140 3.21 -16.51 2.49
C GLY D 140 2.41 -16.82 3.74
N THR D 141 1.87 -15.77 4.35
CA THR D 141 1.06 -15.91 5.56
C THR D 141 -0.43 -15.90 5.23
N PHE D 142 -0.74 -15.84 3.94
CA PHE D 142 -2.10 -15.65 3.46
C PHE D 142 -2.58 -16.89 2.70
N MET D 143 -3.83 -17.28 2.93
CA MET D 143 -4.44 -18.37 2.17
C MET D 143 -5.88 -18.06 1.76
N GLU D 144 -6.34 -18.69 0.68
CA GLU D 144 -7.73 -18.56 0.24
C GLU D 144 -8.37 -19.93 0.06
N PHE D 145 -9.62 -20.06 0.52
CA PHE D 145 -10.37 -21.30 0.39
C PHE D 145 -11.86 -21.02 0.20
N ASP D 146 -12.58 -22.00 -0.35
CA ASP D 146 -13.91 -21.75 -0.90
C ASP D 146 -15.02 -22.44 -0.11
N ALA D 147 -14.73 -22.82 1.13
CA ALA D 147 -15.74 -23.38 2.02
C ALA D 147 -16.78 -22.34 2.41
N TYR D 148 -18.02 -22.79 2.61
CA TYR D 148 -19.12 -21.89 2.96
C TYR D 148 -18.92 -21.30 4.35
N ALA D 149 -19.10 -19.99 4.46
CA ALA D 149 -18.87 -19.28 5.72
C ALA D 149 -19.87 -18.15 5.93
N GLN D 150 -20.26 -17.94 7.19
CA GLN D 150 -21.11 -16.83 7.57
C GLN D 150 -20.48 -16.06 8.73
N PRO D 151 -20.92 -14.82 8.96
CA PRO D 151 -20.63 -14.11 10.20
C PRO D 151 -20.82 -15.01 11.43
N GLY D 152 -19.76 -15.14 12.22
CA GLY D 152 -19.70 -16.18 13.24
C GLY D 152 -18.55 -17.15 13.02
N ASN D 153 -18.14 -17.30 11.76
CA ASN D 153 -17.03 -18.18 11.39
C ASN D 153 -15.67 -17.49 11.50
N SER D 154 -15.67 -16.24 11.98
CA SER D 154 -14.44 -15.52 12.23
C SER D 154 -13.62 -16.20 13.31
N GLY D 155 -12.42 -16.66 12.95
CA GLY D 155 -11.50 -17.27 13.89
C GLY D 155 -11.61 -18.78 13.92
N SER D 156 -12.37 -19.33 12.97
CA SER D 156 -12.57 -20.78 12.88
C SER D 156 -11.29 -21.49 12.44
N PRO D 157 -10.99 -22.64 13.07
CA PRO D 157 -9.93 -23.55 12.62
C PRO D 157 -10.14 -24.02 11.19
N VAL D 158 -9.05 -24.06 10.42
CA VAL D 158 -9.02 -24.75 9.14
C VAL D 158 -8.18 -26.02 9.25
N LEU D 159 -8.82 -27.17 9.12
CA LEU D 159 -8.15 -28.45 9.30
C LEU D 159 -8.04 -29.21 7.98
N ASN D 160 -6.96 -29.98 7.84
CA ASN D 160 -6.86 -30.96 6.76
C ASN D 160 -7.60 -32.26 7.07
N SER D 161 -7.29 -33.32 6.33
CA SER D 161 -8.00 -34.59 6.45
C SER D 161 -7.57 -35.37 7.69
N LYS D 162 -6.40 -35.04 8.22
CA LYS D 162 -5.89 -35.67 9.44
C LYS D 162 -6.28 -34.87 10.69
N HIS D 163 -7.15 -33.88 10.51
CA HIS D 163 -7.59 -33.00 11.59
C HIS D 163 -6.44 -32.23 12.24
N GLU D 164 -5.48 -31.81 11.42
CA GLU D 164 -4.37 -30.97 11.87
C GLU D 164 -4.61 -29.52 11.48
N LEU D 165 -4.13 -28.60 12.32
CA LEU D 165 -4.41 -27.18 12.17
C LEU D 165 -3.52 -26.54 11.10
N ILE D 166 -4.14 -26.05 10.04
CA ILE D 166 -3.43 -25.30 9.00
C ILE D 166 -3.43 -23.80 9.30
N GLY D 167 -4.59 -23.30 9.73
CA GLY D 167 -4.70 -21.89 10.13
C GLY D 167 -6.09 -21.53 10.62
N ILE D 168 -6.39 -20.24 10.59
CA ILE D 168 -7.70 -19.74 11.03
C ILE D 168 -8.31 -18.77 10.01
N LEU D 169 -9.63 -18.83 9.85
CA LEU D 169 -10.37 -17.84 9.07
C LEU D 169 -10.30 -16.47 9.73
N TYR D 170 -10.23 -15.42 8.92
CA TYR D 170 -10.29 -14.05 9.44
C TYR D 170 -11.23 -13.14 8.64
N ALA D 171 -11.45 -13.46 7.37
CA ALA D 171 -12.27 -12.62 6.51
C ALA D 171 -13.07 -13.44 5.49
N GLY D 172 -14.22 -12.92 5.10
CA GLY D 172 -14.91 -13.39 3.91
C GLY D 172 -14.90 -12.34 2.80
N SER D 173 -15.62 -12.63 1.73
CA SER D 173 -15.82 -11.64 0.66
C SER D 173 -17.22 -11.03 0.72
N GLY D 174 -17.55 -10.41 1.84
CA GLY D 174 -18.89 -9.89 2.10
C GLY D 174 -19.87 -11.02 2.43
N LYS D 175 -21.16 -10.79 2.18
CA LYS D 175 -21.99 -9.96 3.06
C LYS D 175 -22.41 -10.76 4.29
N ASP D 176 -23.46 -11.57 4.16
CA ASP D 176 -23.89 -12.46 5.24
C ASP D 176 -23.65 -13.93 4.90
N GLU D 177 -23.15 -14.18 3.70
CA GLU D 177 -22.60 -15.49 3.33
C GLU D 177 -21.51 -15.35 2.29
N SER D 178 -20.60 -16.32 2.24
CA SER D 178 -19.40 -16.21 1.42
C SER D 178 -18.83 -17.59 1.08
N GLU D 179 -18.54 -17.79 -0.20
CA GLU D 179 -17.77 -18.96 -0.65
C GLU D 179 -16.41 -18.55 -1.18
N LYS D 180 -15.91 -17.42 -0.70
CA LYS D 180 -14.57 -16.95 -1.03
C LYS D 180 -13.91 -16.33 0.20
N ASN D 181 -13.22 -17.16 0.98
CA ASN D 181 -12.82 -16.78 2.33
C ASN D 181 -11.31 -16.78 2.51
N PHE D 182 -10.82 -15.92 3.40
CA PHE D 182 -9.39 -15.73 3.58
C PHE D 182 -8.95 -16.18 4.96
N GLY D 183 -7.75 -16.75 5.03
CA GLY D 183 -7.25 -17.32 6.28
C GLY D 183 -5.84 -16.88 6.60
N VAL D 184 -5.51 -16.85 7.89
CA VAL D 184 -4.13 -16.79 8.33
C VAL D 184 -3.47 -18.16 8.19
N TYR D 185 -2.61 -18.31 7.19
CA TYR D 185 -1.85 -19.53 7.00
C TYR D 185 -0.66 -19.58 7.96
N PHE D 186 -0.58 -20.65 8.73
CA PHE D 186 0.41 -20.75 9.80
C PHE D 186 1.78 -21.18 9.27
N THR D 187 2.69 -20.22 9.19
CA THR D 187 4.11 -20.51 8.96
C THR D 187 4.78 -20.94 10.26
N PRO D 188 5.96 -21.59 10.16
CA PRO D 188 6.79 -21.92 11.31
C PRO D 188 7.05 -20.73 12.24
N GLN D 189 7.10 -19.53 11.67
CA GLN D 189 7.35 -18.31 12.44
C GLN D 189 6.14 -17.93 13.29
N LEU D 190 4.94 -18.12 12.74
CA LEU D 190 3.70 -17.87 13.47
C LEU D 190 3.46 -18.94 14.53
N LYS D 191 3.89 -20.16 14.22
CA LYS D 191 3.71 -21.29 15.13
C LYS D 191 4.64 -21.20 16.33
N GLU D 192 5.81 -20.60 16.13
CA GLU D 192 6.74 -20.32 17.23
C GLU D 192 6.18 -19.27 18.17
N PHE D 193 5.51 -18.27 17.60
CA PHE D 193 4.81 -17.25 18.37
C PHE D 193 3.71 -17.85 19.24
N ILE D 194 2.93 -18.76 18.65
CA ILE D 194 1.89 -19.48 19.37
C ILE D 194 2.49 -20.34 20.48
N GLN D 195 3.55 -21.08 20.14
CA GLN D 195 4.17 -22.02 21.07
C GLN D 195 4.80 -21.31 22.27
N ASN D 196 5.32 -20.11 22.05
CA ASN D 196 5.97 -19.34 23.11
C ASN D 196 4.97 -18.69 24.06
N ASN D 197 3.72 -18.61 23.63
CA ASN D 197 2.66 -18.02 24.45
C ASN D 197 1.69 -19.05 25.01
N ILE D 198 2.17 -20.27 25.19
CA ILE D 198 1.39 -21.33 25.84
C ILE D 198 1.85 -21.54 27.29
N GLU D 199 0.92 -22.00 28.13
CA GLU D 199 1.12 -22.02 29.58
C GLU D 199 1.82 -23.29 30.04
N LYS D 200 2.33 -23.28 31.27
CA LYS D 200 3.09 -24.39 31.81
C LYS D 200 2.69 -24.70 33.25
#